data_8HIU
#
_entry.id   8HIU
#
_cell.length_a   64.804
_cell.length_b   216.678
_cell.length_c   70.573
_cell.angle_alpha   90.000
_cell.angle_beta   113.389
_cell.angle_gamma   90.000
#
_symmetry.space_group_name_H-M   'P 1 21 1'
#
loop_
_entity.id
_entity.type
_entity.pdbx_description
1 polymer Carbamoyltransferase
2 non-polymer 'MAGNESIUM ION'
3 water water
#
_entity_poly.entity_id   1
_entity_poly.type   'polypeptide(L)'
_entity_poly.pdbx_seq_one_letter_code
;MIILGYNGFSQIAELFGRLYGYTADSVDRHSFLGHDAAAALFVDGELVAAVEEERMNRQKKTTAFPANAMRWCLEQAGIS
YEDVDYYAFGWNFTAEFADAAITGLASAPIPPEYKFQAIGSFGELWNGALGRTALIEDFTRHTGYALPDEKLITVPHHRA
HLACGRTFSGLGDAAFLINDGQAEADSAIMGEVRDGKVEVFERFTIDAKNSLAQLFANITRYLGFTPNNDEYKVMGLAGF
GKAPDEQDNPLLTKVVTLEEGGRYSLALANDPRGPRAYDPLFDELFDGNDDNRQEFDFRVRVACAAQQVIEAVTAHQLRA
LAEATELRDLIFEGGLALNCVNNTKLLEELPFTRVEVSFGASDPGVSIGAAAHVAREKSVALTPTESPYLGPEFGEDEIR
ATLEEYTSSVTWEQLPSDEVVGKTAELLTGKTVIGWFQGRTEYGPRALGNRSILANPSYADMKDVINNRVKHREPFRPFA
PIVLEENAARVFEMGRKERSPYMTFVFPVRPEYTEKIAAATHVDATSRIQTVTEDSNPRLAALLREFTSRTDVPCLVNTS
FNVAGEPIVCSPKDAVECFLGTDIDHLVIGDFLVSKR
;
_entity_poly.pdbx_strand_id   A,B
#
# COMPACT_ATOMS: atom_id res chain seq x y z
N MET A 1 25.71 27.56 -8.22
CA MET A 1 26.66 26.53 -7.65
C MET A 1 26.44 26.43 -6.12
N ILE A 2 26.85 27.45 -5.36
CA ILE A 2 26.69 27.56 -3.88
C ILE A 2 25.56 28.56 -3.58
N ILE A 3 24.58 28.17 -2.73
CA ILE A 3 23.49 29.09 -2.26
C ILE A 3 23.27 28.90 -0.76
N LEU A 4 23.10 30.01 -0.04
CA LEU A 4 22.83 30.08 1.43
C LEU A 4 21.44 30.68 1.63
N GLY A 5 20.51 29.89 2.19
CA GLY A 5 19.16 30.37 2.54
C GLY A 5 19.09 30.70 4.02
N TYR A 6 18.40 31.77 4.41
CA TYR A 6 18.35 32.16 5.84
C TYR A 6 17.04 32.91 6.14
N ASN A 7 16.70 32.96 7.43
CA ASN A 7 15.57 33.74 8.01
C ASN A 7 16.05 34.40 9.31
N GLY A 8 15.57 35.60 9.61
CA GLY A 8 16.08 36.41 10.73
C GLY A 8 15.96 37.91 10.46
N PHE A 9 15.59 38.64 11.52
CA PHE A 9 15.57 40.13 11.57
C PHE A 9 16.02 40.53 12.98
N SER A 10 17.30 40.89 13.13
CA SER A 10 17.92 41.29 14.43
C SER A 10 16.95 42.16 15.27
N GLN A 11 16.26 43.11 14.65
CA GLN A 11 15.50 44.16 15.40
C GLN A 11 14.01 43.86 15.54
N ILE A 12 13.41 42.96 14.75
CA ILE A 12 11.94 42.75 14.78
C ILE A 12 11.47 42.51 16.22
N ALA A 13 12.29 41.84 17.04
CA ALA A 13 11.97 41.57 18.45
C ALA A 13 11.65 42.89 19.18
N GLU A 14 12.63 43.79 19.21
CA GLU A 14 12.49 45.10 19.89
C GLU A 14 11.41 45.90 19.14
N LEU A 15 11.39 45.83 17.81
CA LEU A 15 10.41 46.57 16.95
C LEU A 15 9.00 46.14 17.35
N PHE A 16 8.72 44.85 17.38
CA PHE A 16 7.36 44.33 17.66
C PHE A 16 7.03 44.53 19.15
N GLY A 17 8.04 44.33 20.02
CA GLY A 17 7.97 44.61 21.46
C GLY A 17 7.50 46.04 21.69
N ARG A 18 8.21 47.02 21.12
CA ARG A 18 7.94 48.47 21.28
C ARG A 18 6.67 48.91 20.52
N LEU A 19 6.66 48.77 19.19
CA LEU A 19 5.60 49.34 18.31
C LEU A 19 4.25 48.65 18.53
N TYR A 20 4.22 47.34 18.84
CA TYR A 20 3.01 46.48 18.84
C TYR A 20 2.84 45.68 20.16
N GLY A 21 3.69 45.91 21.17
CA GLY A 21 3.46 45.42 22.55
C GLY A 21 3.59 43.91 22.67
N TYR A 22 4.39 43.31 21.80
CA TYR A 22 4.68 41.86 21.74
C TYR A 22 6.03 41.64 22.42
N THR A 23 6.11 41.89 23.73
CA THR A 23 7.36 41.70 24.52
C THR A 23 7.69 40.20 24.65
N ALA A 24 8.99 39.88 24.76
CA ALA A 24 9.55 38.52 24.95
C ALA A 24 8.89 37.75 26.10
N ASP A 25 8.21 38.44 27.02
CA ASP A 25 7.48 37.83 28.16
C ASP A 25 5.97 37.80 27.90
N SER A 26 5.47 38.44 26.84
CA SER A 26 4.04 38.35 26.45
C SER A 26 3.74 36.93 25.98
N VAL A 27 2.47 36.51 26.01
CA VAL A 27 2.01 35.27 25.33
C VAL A 27 2.17 35.45 23.82
N ASP A 28 2.42 36.67 23.34
CA ASP A 28 2.56 36.91 21.89
C ASP A 28 4.03 36.92 21.48
N ARG A 29 4.96 36.53 22.36
CA ARG A 29 6.43 36.55 22.10
C ARG A 29 6.81 35.88 20.76
N HIS A 30 6.04 34.88 20.31
CA HIS A 30 6.37 34.02 19.16
C HIS A 30 5.42 34.34 18.01
N SER A 31 4.68 35.45 18.11
CA SER A 31 3.52 35.70 17.21
C SER A 31 3.85 36.83 16.21
N PHE A 32 5.12 37.18 16.07
CA PHE A 32 5.65 38.05 14.99
C PHE A 32 6.67 37.25 14.17
N LEU A 33 6.79 37.55 12.87
CA LEU A 33 7.65 36.78 11.90
C LEU A 33 9.13 36.86 12.23
N GLY A 34 9.94 36.16 11.43
CA GLY A 34 11.38 35.96 11.67
C GLY A 34 11.63 34.91 12.73
N HIS A 35 10.57 34.33 13.31
CA HIS A 35 10.69 33.18 14.24
C HIS A 35 11.27 32.00 13.46
N ASP A 36 12.11 31.21 14.13
CA ASP A 36 12.79 30.01 13.56
C ASP A 36 13.81 30.48 12.53
N ALA A 37 14.57 31.50 12.94
CA ALA A 37 15.77 31.99 12.24
C ALA A 37 16.77 30.83 12.22
N ALA A 38 17.35 30.64 11.04
CA ALA A 38 18.19 29.49 10.67
C ALA A 38 18.98 29.86 9.42
N ALA A 39 20.00 29.06 9.10
CA ALA A 39 20.76 29.12 7.83
C ALA A 39 20.77 27.73 7.19
N ALA A 40 20.94 27.65 5.88
CA ALA A 40 20.98 26.37 5.12
C ALA A 40 21.86 26.56 3.89
N LEU A 41 22.65 25.54 3.54
CA LEU A 41 23.63 25.62 2.42
C LEU A 41 23.48 24.46 1.43
N PHE A 42 23.08 24.78 0.19
CA PHE A 42 23.25 23.94 -1.03
C PHE A 42 24.60 24.23 -1.70
N VAL A 43 25.34 23.18 -2.03
CA VAL A 43 26.57 23.21 -2.87
C VAL A 43 26.31 22.31 -4.08
N ASP A 44 26.15 22.86 -5.28
CA ASP A 44 26.00 22.08 -6.54
C ASP A 44 24.71 21.25 -6.44
N GLY A 45 23.62 21.87 -5.97
CA GLY A 45 22.32 21.19 -5.80
C GLY A 45 22.38 20.04 -4.80
N GLU A 46 23.20 20.18 -3.74
CA GLU A 46 23.22 19.25 -2.58
C GLU A 46 23.19 20.05 -1.28
N LEU A 47 22.23 19.76 -0.40
CA LEU A 47 22.13 20.36 0.96
C LEU A 47 23.23 19.75 1.84
N VAL A 48 24.24 20.54 2.21
CA VAL A 48 25.46 20.07 2.91
C VAL A 48 25.37 20.44 4.39
N ALA A 49 24.61 21.48 4.73
CA ALA A 49 24.46 21.93 6.13
C ALA A 49 23.15 22.70 6.35
N ALA A 50 22.61 22.57 7.56
CA ALA A 50 21.48 23.38 8.07
C ALA A 50 21.41 23.29 9.60
N VAL A 51 21.36 24.45 10.25
CA VAL A 51 21.04 24.55 11.70
C VAL A 51 20.18 25.81 11.93
N GLU A 52 19.36 25.78 12.97
CA GLU A 52 18.49 26.91 13.39
C GLU A 52 19.18 27.67 14.52
N GLU A 53 19.20 29.00 14.44
CA GLU A 53 19.87 29.87 15.45
C GLU A 53 19.44 29.47 16.88
N GLU A 54 18.18 29.07 17.07
CA GLU A 54 17.62 28.66 18.40
C GLU A 54 18.47 27.54 19.01
N ARG A 55 19.04 26.64 18.20
CA ARG A 55 19.89 25.51 18.69
C ARG A 55 21.22 26.08 19.19
N MET A 56 21.66 27.20 18.61
CA MET A 56 22.99 27.84 18.85
C MET A 56 22.87 28.91 19.95
N ASN A 57 21.99 29.90 19.75
CA ASN A 57 21.82 31.07 20.65
C ASN A 57 21.05 30.64 21.92
N ARG A 58 20.36 29.50 21.87
CA ARG A 58 19.68 28.80 23.03
C ARG A 58 18.33 29.45 23.38
N GLN A 59 17.81 30.31 22.50
CA GLN A 59 16.55 31.08 22.69
C GLN A 59 15.45 30.51 21.78
N LYS A 60 14.45 29.85 22.35
CA LYS A 60 13.45 29.07 21.58
C LYS A 60 12.75 29.96 20.56
N LYS A 61 12.65 29.49 19.31
CA LYS A 61 11.89 30.11 18.17
C LYS A 61 12.44 31.52 17.90
N THR A 62 13.76 31.66 18.05
CA THR A 62 14.46 32.96 17.97
C THR A 62 14.08 33.68 16.67
N THR A 63 14.10 35.01 16.70
CA THR A 63 13.92 35.90 15.51
C THR A 63 15.26 36.57 15.18
N ALA A 64 16.32 36.22 15.91
CA ALA A 64 17.64 36.88 15.81
C ALA A 64 18.20 36.72 14.39
N PHE A 65 19.20 37.53 14.01
CA PHE A 65 19.97 37.27 12.77
C PHE A 65 20.66 35.93 12.96
N PRO A 66 20.66 35.04 11.95
CA PRO A 66 21.23 33.70 12.11
C PRO A 66 22.76 33.67 12.02
N ALA A 67 23.43 34.57 12.74
CA ALA A 67 24.90 34.68 12.84
C ALA A 67 25.55 33.31 13.03
N ASN A 68 25.23 32.62 14.14
CA ASN A 68 25.89 31.33 14.52
C ASN A 68 25.60 30.23 13.48
N ALA A 69 24.40 30.18 12.93
CA ALA A 69 24.02 29.13 11.97
C ALA A 69 24.72 29.37 10.65
N MET A 70 24.83 30.64 10.21
CA MET A 70 25.53 30.99 8.93
C MET A 70 26.99 30.59 9.02
N ARG A 71 27.75 31.17 9.95
CA ARG A 71 29.17 30.81 10.15
C ARG A 71 29.30 29.29 10.09
N TRP A 72 28.55 28.57 10.92
CA TRP A 72 28.68 27.09 11.06
C TRP A 72 28.46 26.40 9.71
N CYS A 73 27.49 26.90 8.93
CA CYS A 73 27.11 26.34 7.60
C CYS A 73 28.25 26.55 6.58
N LEU A 74 28.91 27.70 6.66
CA LEU A 74 30.06 28.05 5.79
C LEU A 74 31.30 27.27 6.24
N GLU A 75 31.47 27.08 7.55
CA GLU A 75 32.66 26.39 8.11
C GLU A 75 32.57 24.90 7.79
N GLN A 76 31.37 24.34 7.83
CA GLN A 76 31.13 22.91 7.48
C GLN A 76 31.63 22.63 6.05
N ALA A 77 31.64 23.64 5.19
CA ALA A 77 32.05 23.50 3.78
C ALA A 77 33.46 24.05 3.54
N GLY A 78 34.12 24.56 4.59
CA GLY A 78 35.42 25.24 4.45
C GLY A 78 35.35 26.34 3.39
N ILE A 79 34.21 27.05 3.34
CA ILE A 79 33.99 28.19 2.39
C ILE A 79 33.82 29.45 3.21
N SER A 80 33.73 30.61 2.54
CA SER A 80 33.53 31.93 3.18
C SER A 80 32.38 32.69 2.51
N TYR A 81 31.96 33.81 3.10
CA TYR A 81 30.77 34.56 2.64
C TYR A 81 30.94 34.92 1.15
N GLU A 82 32.17 35.20 0.71
CA GLU A 82 32.52 35.70 -0.65
C GLU A 82 32.32 34.55 -1.64
N ASP A 83 32.78 33.35 -1.26
CA ASP A 83 32.63 32.10 -2.05
C ASP A 83 31.15 31.85 -2.36
N VAL A 84 30.25 32.21 -1.43
CA VAL A 84 28.79 31.91 -1.56
C VAL A 84 28.28 32.67 -2.78
N ASP A 85 27.85 31.94 -3.80
CA ASP A 85 27.42 32.53 -5.09
C ASP A 85 26.15 33.34 -4.86
N TYR A 86 25.25 32.90 -3.99
CA TYR A 86 23.92 33.55 -3.79
C TYR A 86 23.39 33.37 -2.35
N TYR A 87 22.55 34.31 -1.93
CA TYR A 87 21.98 34.41 -0.57
C TYR A 87 20.45 34.57 -0.69
N ALA A 88 19.71 33.55 -0.24
CA ALA A 88 18.24 33.46 -0.38
C ALA A 88 17.56 33.76 0.96
N PHE A 89 16.45 34.52 0.98
CA PHE A 89 15.83 34.99 2.25
C PHE A 89 14.56 34.22 2.65
N GLY A 90 13.60 34.01 1.76
CA GLY A 90 12.36 33.33 2.19
C GLY A 90 11.39 34.29 2.86
N TRP A 91 11.58 35.58 2.54
CA TRP A 91 10.52 36.61 2.63
C TRP A 91 10.70 37.58 1.46
N ASN A 92 9.71 37.66 0.59
CA ASN A 92 9.73 38.62 -0.55
C ASN A 92 8.91 39.85 -0.16
N PHE A 93 9.47 40.71 0.70
CA PHE A 93 8.91 42.06 1.00
C PHE A 93 9.39 43.04 -0.09
N THR A 94 8.66 43.05 -1.22
CA THR A 94 8.93 43.94 -2.37
C THR A 94 8.31 45.31 -2.10
N ALA A 95 8.87 46.35 -2.74
CA ALA A 95 8.40 47.76 -2.61
C ALA A 95 6.88 47.82 -2.82
N GLU A 96 6.38 47.03 -3.77
CA GLU A 96 4.94 47.02 -4.19
C GLU A 96 4.08 46.50 -3.02
N PHE A 97 4.64 45.62 -2.18
CA PHE A 97 3.98 45.10 -0.95
C PHE A 97 3.69 46.25 0.01
N ALA A 98 4.73 47.00 0.38
CA ALA A 98 4.59 48.10 1.38
C ALA A 98 3.50 49.06 0.95
N ASP A 99 3.55 49.48 -0.30
CA ASP A 99 2.55 50.45 -0.78
C ASP A 99 1.17 49.96 -0.44
N ALA A 100 0.81 48.76 -0.89
CA ALA A 100 -0.56 48.23 -0.67
C ALA A 100 -0.82 48.19 0.82
N ALA A 101 0.25 48.17 1.60
CA ALA A 101 0.11 48.16 3.06
C ALA A 101 -0.11 49.60 3.53
N ILE A 102 0.79 50.51 3.13
CA ILE A 102 0.61 51.93 3.50
C ILE A 102 -0.73 52.35 2.92
N THR A 103 -0.90 52.10 1.64
CA THR A 103 -2.18 52.42 0.96
C THR A 103 -3.35 51.85 1.77
N GLY A 104 -3.31 50.56 2.09
CA GLY A 104 -4.43 49.87 2.75
C GLY A 104 -4.70 50.42 4.13
N LEU A 105 -3.67 50.62 4.94
CA LEU A 105 -3.81 51.22 6.30
C LEU A 105 -4.49 52.57 6.16
N ALA A 106 -4.26 53.28 5.05
CA ALA A 106 -4.87 54.59 4.76
C ALA A 106 -6.39 54.43 4.63
N SER A 107 -6.82 53.39 3.90
CA SER A 107 -8.26 53.09 3.75
C SER A 107 -8.73 52.23 4.94
N ALA A 108 -8.58 52.74 6.16
CA ALA A 108 -9.01 52.04 7.40
C ALA A 108 -10.34 52.63 7.85
N PRO A 109 -11.44 51.84 7.84
CA PRO A 109 -12.75 52.34 8.21
C PRO A 109 -12.74 52.96 9.62
N ILE A 110 -11.70 52.66 10.39
CA ILE A 110 -11.52 53.23 11.75
C ILE A 110 -10.26 54.07 11.76
N PRO A 111 -10.29 55.25 11.09
CA PRO A 111 -9.19 56.21 11.17
C PRO A 111 -9.24 56.83 12.56
N PRO A 112 -8.22 56.67 13.41
CA PRO A 112 -8.23 57.41 14.66
C PRO A 112 -7.43 58.70 14.48
N GLU A 113 -7.06 59.07 13.24
CA GLU A 113 -6.11 60.20 13.06
C GLU A 113 -4.79 59.61 13.56
N TYR A 114 -4.80 58.32 13.86
CA TYR A 114 -3.60 57.58 14.32
C TYR A 114 -3.37 56.44 13.32
N LYS A 115 -3.83 56.66 12.09
CA LYS A 115 -3.37 55.88 10.92
C LYS A 115 -1.88 56.14 10.78
N PHE A 116 -1.42 57.24 11.39
CA PHE A 116 0.01 57.63 11.46
C PHE A 116 0.75 56.64 12.35
N GLN A 117 0.28 56.47 13.58
CA GLN A 117 0.86 55.50 14.54
C GLN A 117 1.07 54.18 13.79
N ALA A 118 0.08 53.81 12.97
CA ALA A 118 0.12 52.57 12.14
C ALA A 118 1.18 52.73 11.04
N ILE A 119 0.94 53.65 10.11
CA ILE A 119 1.82 53.82 8.92
C ILE A 119 3.23 54.06 9.44
N GLY A 120 3.34 54.75 10.58
CA GLY A 120 4.64 55.14 11.15
C GLY A 120 5.43 53.94 11.60
N SER A 121 4.75 52.97 12.23
CA SER A 121 5.45 51.77 12.78
C SER A 121 5.79 50.83 11.63
N PHE A 122 4.86 50.62 10.69
CA PHE A 122 5.08 49.78 9.49
C PHE A 122 6.28 50.32 8.69
N GLY A 123 6.51 51.64 8.77
CA GLY A 123 7.72 52.28 8.22
C GLY A 123 8.95 51.93 9.03
N GLU A 124 8.83 51.91 10.36
CA GLU A 124 9.95 51.57 11.29
C GLU A 124 10.30 50.10 11.11
N LEU A 125 9.30 49.28 10.79
CA LEU A 125 9.49 47.85 10.38
C LEU A 125 10.21 47.84 9.04
N TRP A 126 9.69 48.55 8.03
CA TRP A 126 10.21 48.50 6.64
C TRP A 126 11.67 48.95 6.62
N ASN A 127 12.01 49.97 7.39
CA ASN A 127 13.34 50.64 7.30
C ASN A 127 14.34 49.91 8.21
N GLY A 128 13.88 49.07 9.14
CA GLY A 128 14.80 48.28 9.98
C GLY A 128 14.54 46.79 9.92
N ALA A 129 13.56 46.32 9.14
CA ALA A 129 13.13 44.90 9.12
C ALA A 129 12.97 44.42 7.67
N LEU A 130 11.85 44.75 7.02
CA LEU A 130 11.39 44.02 5.80
C LEU A 130 12.06 44.57 4.54
N GLY A 131 12.75 45.71 4.61
CA GLY A 131 13.29 46.37 3.40
C GLY A 131 14.50 45.64 2.84
N ARG A 132 14.65 45.64 1.52
CA ARG A 132 15.88 45.07 0.88
C ARG A 132 17.11 45.79 1.43
N THR A 133 17.07 47.12 1.54
CA THR A 133 18.20 47.93 2.08
C THR A 133 18.47 47.49 3.53
N ALA A 134 17.39 47.24 4.29
CA ALA A 134 17.42 46.84 5.71
C ALA A 134 18.05 45.44 5.85
N LEU A 135 17.79 44.55 4.87
CA LEU A 135 18.36 43.19 4.86
C LEU A 135 19.86 43.26 4.61
N ILE A 136 20.26 44.03 3.58
CA ILE A 136 21.70 44.15 3.18
C ILE A 136 22.47 44.82 4.32
N GLU A 137 21.83 45.76 5.03
CA GLU A 137 22.40 46.43 6.23
C GLU A 137 22.63 45.35 7.29
N ASP A 138 21.53 44.70 7.72
CA ASP A 138 21.48 43.70 8.83
C ASP A 138 22.51 42.62 8.52
N PHE A 139 22.52 42.08 7.30
CA PHE A 139 23.48 41.02 6.87
C PHE A 139 24.91 41.55 7.06
N THR A 140 25.26 42.59 6.30
CA THR A 140 26.59 43.24 6.33
C THR A 140 27.06 43.44 7.78
N ARG A 141 26.22 44.02 8.65
CA ARG A 141 26.59 44.40 10.03
C ARG A 141 26.89 43.17 10.87
N HIS A 142 26.24 42.04 10.60
CA HIS A 142 26.34 40.82 11.45
C HIS A 142 27.35 39.83 10.87
N THR A 143 27.62 39.91 9.57
CA THR A 143 28.47 38.92 8.86
C THR A 143 29.88 39.49 8.73
N GLY A 144 30.00 40.79 8.46
CA GLY A 144 31.28 41.44 8.13
C GLY A 144 31.44 41.48 6.62
N TYR A 145 30.89 40.48 5.93
CA TYR A 145 30.86 40.45 4.45
C TYR A 145 29.77 41.42 4.03
N ALA A 146 30.01 42.19 2.97
CA ALA A 146 29.06 43.22 2.53
C ALA A 146 28.18 42.68 1.41
N LEU A 147 26.94 42.32 1.75
CA LEU A 147 26.06 41.59 0.80
C LEU A 147 25.89 42.45 -0.44
N PRO A 148 26.50 42.08 -1.59
CA PRO A 148 26.18 42.76 -2.84
C PRO A 148 24.68 42.59 -3.09
N ASP A 149 24.02 43.65 -3.54
CA ASP A 149 22.58 43.62 -3.92
C ASP A 149 22.37 42.50 -4.96
N GLU A 150 23.35 42.25 -5.83
CA GLU A 150 23.23 41.29 -6.97
C GLU A 150 23.11 39.85 -6.45
N LYS A 151 23.60 39.56 -5.23
CA LYS A 151 23.67 38.18 -4.69
C LYS A 151 22.39 37.82 -3.90
N LEU A 152 21.66 38.83 -3.40
CA LEU A 152 20.47 38.64 -2.53
C LEU A 152 19.23 38.28 -3.35
N ILE A 153 18.67 37.10 -3.14
CA ILE A 153 17.32 36.75 -3.69
C ILE A 153 16.39 36.58 -2.51
N THR A 154 15.35 37.42 -2.48
CA THR A 154 14.20 37.35 -1.54
C THR A 154 13.13 36.44 -2.16
N VAL A 155 12.83 35.32 -1.51
CA VAL A 155 11.91 34.32 -2.08
C VAL A 155 10.57 34.42 -1.35
N PRO A 156 9.44 34.41 -2.06
CA PRO A 156 8.16 34.42 -1.40
C PRO A 156 8.16 33.29 -0.36
N HIS A 157 7.61 33.57 0.82
CA HIS A 157 7.60 32.57 1.92
C HIS A 157 7.06 31.24 1.38
N HIS A 158 5.83 31.22 0.91
CA HIS A 158 5.18 29.95 0.47
C HIS A 158 6.02 29.21 -0.57
N ARG A 159 6.56 29.91 -1.56
CA ARG A 159 7.39 29.29 -2.62
C ARG A 159 8.59 28.65 -1.96
N ALA A 160 8.89 29.05 -0.72
CA ALA A 160 9.97 28.44 0.09
C ALA A 160 9.39 27.31 0.95
N HIS A 161 8.24 27.53 1.59
CA HIS A 161 7.56 26.45 2.34
C HIS A 161 7.48 25.24 1.43
N LEU A 162 7.16 25.49 0.16
CA LEU A 162 6.99 24.45 -0.88
C LEU A 162 8.33 23.90 -1.36
N ALA A 163 9.24 24.77 -1.82
CA ALA A 163 10.62 24.44 -2.24
C ALA A 163 11.26 23.47 -1.24
N CYS A 164 11.00 23.68 0.06
CA CYS A 164 11.38 22.73 1.15
C CYS A 164 10.68 21.38 0.94
N GLY A 165 9.35 21.39 0.90
CA GLY A 165 8.56 20.17 0.62
C GLY A 165 9.18 19.41 -0.54
N ARG A 166 9.39 20.11 -1.66
CA ARG A 166 9.90 19.51 -2.93
C ARG A 166 11.28 18.87 -2.70
N THR A 167 12.12 19.44 -1.84
CA THR A 167 13.49 18.91 -1.60
C THR A 167 13.44 17.54 -0.91
N PHE A 168 12.38 17.24 -0.16
CA PHE A 168 12.30 16.04 0.74
C PHE A 168 11.18 15.06 0.31
N SER A 169 10.20 15.47 -0.51
CA SER A 169 8.97 14.68 -0.82
C SER A 169 9.31 13.33 -1.46
N GLY A 170 10.42 13.26 -2.21
CA GLY A 170 10.79 12.10 -3.05
C GLY A 170 9.91 12.01 -4.30
N LEU A 171 8.93 12.92 -4.42
CA LEU A 171 7.95 13.01 -5.54
C LEU A 171 8.63 13.66 -6.75
N GLY A 172 7.93 13.70 -7.89
CA GLY A 172 8.29 14.53 -9.05
C GLY A 172 7.17 15.52 -9.33
N ASP A 173 6.26 15.14 -10.23
CA ASP A 173 5.02 15.91 -10.52
C ASP A 173 4.15 15.77 -9.26
N ALA A 174 3.38 16.80 -8.89
CA ALA A 174 2.58 16.83 -7.65
C ALA A 174 1.81 18.15 -7.48
N ALA A 175 0.63 18.04 -6.89
CA ALA A 175 -0.15 19.18 -6.35
C ALA A 175 0.51 19.67 -5.07
N PHE A 176 0.18 20.88 -4.63
CA PHE A 176 0.72 21.48 -3.39
C PHE A 176 -0.35 22.36 -2.73
N LEU A 177 -0.39 22.30 -1.40
CA LEU A 177 -1.18 23.21 -0.55
C LEU A 177 -0.17 23.83 0.40
N ILE A 178 -0.15 25.15 0.50
CA ILE A 178 0.66 25.86 1.53
C ILE A 178 -0.34 26.57 2.40
N ASN A 179 -0.56 26.11 3.65
CA ASN A 179 -1.38 26.82 4.65
C ASN A 179 -0.47 27.21 5.81
N ASP A 180 -0.01 28.45 5.82
CA ASP A 180 0.92 28.96 6.86
C ASP A 180 0.18 30.10 7.53
N GLY A 181 0.74 30.67 8.59
CA GLY A 181 0.08 31.84 9.18
C GLY A 181 0.74 33.10 8.68
N GLN A 182 1.76 33.57 9.38
CA GLN A 182 2.48 34.79 8.96
C GLN A 182 2.89 34.57 7.50
N ALA A 183 2.60 35.53 6.64
CA ALA A 183 3.04 35.44 5.24
C ALA A 183 3.20 36.85 4.70
N GLU A 184 3.49 36.97 3.41
CA GLU A 184 3.55 38.33 2.82
C GLU A 184 2.15 38.92 2.77
N ALA A 185 1.27 38.42 1.89
CA ALA A 185 -0.05 39.04 1.71
C ALA A 185 -1.07 37.91 1.62
N ASP A 186 -0.62 36.74 1.18
CA ASP A 186 -1.52 35.58 1.02
C ASP A 186 -1.29 34.63 2.21
N SER A 187 -2.36 34.07 2.77
CA SER A 187 -2.27 33.17 3.93
C SER A 187 -2.16 31.73 3.43
N ALA A 188 -2.82 31.44 2.32
CA ALA A 188 -2.82 30.08 1.76
C ALA A 188 -2.85 30.13 0.24
N ILE A 189 -2.04 29.29 -0.41
CA ILE A 189 -1.97 29.15 -1.89
C ILE A 189 -2.07 27.67 -2.25
N MET A 190 -2.55 27.37 -3.46
CA MET A 190 -2.56 26.01 -4.03
C MET A 190 -2.16 26.09 -5.51
N GLY A 191 -1.88 24.94 -6.11
CA GLY A 191 -1.36 24.82 -7.49
C GLY A 191 -0.76 23.45 -7.69
N GLU A 192 0.19 23.32 -8.62
CA GLU A 192 0.87 22.02 -8.89
C GLU A 192 2.32 22.24 -9.33
N VAL A 193 3.06 21.14 -9.33
CA VAL A 193 4.43 21.04 -9.92
C VAL A 193 4.33 20.01 -11.04
N ARG A 194 4.42 20.44 -12.31
CA ARG A 194 4.36 19.55 -13.50
C ARG A 194 5.65 19.73 -14.30
N ASP A 195 6.32 18.64 -14.65
CA ASP A 195 7.62 18.62 -15.38
C ASP A 195 8.59 19.64 -14.74
N GLY A 196 8.69 19.62 -13.41
CA GLY A 196 9.66 20.42 -12.62
C GLY A 196 9.35 21.90 -12.59
N LYS A 197 8.15 22.33 -13.00
CA LYS A 197 7.73 23.77 -13.04
C LYS A 197 6.62 23.99 -12.02
N VAL A 198 6.69 25.10 -11.28
CA VAL A 198 5.65 25.48 -10.27
C VAL A 198 4.61 26.35 -10.99
N GLU A 199 3.34 25.96 -10.92
CA GLU A 199 2.19 26.79 -11.36
C GLU A 199 1.23 26.90 -10.19
N VAL A 200 0.97 28.14 -9.75
CA VAL A 200 0.03 28.48 -8.65
C VAL A 200 -1.32 28.77 -9.29
N PHE A 201 -2.38 28.06 -8.88
CA PHE A 201 -3.76 28.43 -9.25
C PHE A 201 -4.16 29.60 -8.34
N GLU A 202 -4.23 30.80 -8.93
CA GLU A 202 -4.54 32.07 -8.24
C GLU A 202 -5.96 32.01 -7.69
N ARG A 203 -6.84 31.23 -8.31
CA ARG A 203 -8.30 31.18 -7.97
C ARG A 203 -8.50 30.64 -6.55
N PHE A 204 -7.55 29.87 -6.01
CA PHE A 204 -7.69 29.16 -4.70
C PHE A 204 -7.02 29.95 -3.59
N THR A 205 -6.25 31.00 -3.95
CA THR A 205 -5.43 31.81 -3.01
C THR A 205 -6.34 32.44 -1.96
N ILE A 206 -5.85 32.64 -0.75
CA ILE A 206 -6.60 33.22 0.41
C ILE A 206 -5.76 34.41 0.91
N ASP A 207 -6.41 35.52 1.26
CA ASP A 207 -5.69 36.74 1.76
C ASP A 207 -5.08 36.43 3.12
N ALA A 208 -4.31 37.36 3.66
CA ALA A 208 -3.63 37.18 4.96
C ALA A 208 -4.61 37.43 6.10
N LYS A 209 -5.75 38.02 5.82
CA LYS A 209 -6.66 38.47 6.91
C LYS A 209 -7.73 37.41 7.14
N ASN A 210 -7.69 36.33 6.37
CA ASN A 210 -8.64 35.22 6.53
C ASN A 210 -7.83 33.98 6.92
N SER A 211 -6.76 34.20 7.71
CA SER A 211 -5.80 33.12 8.07
C SER A 211 -6.45 32.06 8.97
N LEU A 212 -6.67 30.86 8.44
CA LEU A 212 -7.13 29.69 9.21
C LEU A 212 -6.12 29.40 10.32
N ALA A 213 -4.82 29.46 10.00
CA ALA A 213 -3.71 29.33 10.96
C ALA A 213 -3.90 30.32 12.10
N GLN A 214 -4.09 31.61 11.81
CA GLN A 214 -4.35 32.64 12.86
C GLN A 214 -5.53 32.20 13.72
N LEU A 215 -6.64 31.78 13.11
CA LEU A 215 -7.83 31.37 13.89
C LEU A 215 -7.39 30.36 14.95
N PHE A 216 -6.59 29.37 14.55
CA PHE A 216 -6.09 28.30 15.46
C PHE A 216 -5.13 28.92 16.48
N ALA A 217 -4.33 29.91 16.07
CA ALA A 217 -3.41 30.64 16.97
C ALA A 217 -4.20 31.35 18.06
N ASN A 218 -5.34 31.95 17.69
CA ASN A 218 -6.20 32.77 18.60
C ASN A 218 -6.92 31.84 19.60
N ILE A 219 -7.19 30.60 19.18
CA ILE A 219 -7.76 29.56 20.06
C ILE A 219 -6.69 29.15 21.07
N THR A 220 -5.45 29.04 20.63
CA THR A 220 -4.35 28.61 21.52
C THR A 220 -4.13 29.69 22.58
N ARG A 221 -4.38 30.95 22.25
CA ARG A 221 -4.18 32.06 23.23
C ARG A 221 -5.38 32.14 24.18
N TYR A 222 -6.59 32.15 23.61
CA TYR A 222 -7.89 32.20 24.34
C TYR A 222 -7.89 31.18 25.48
N LEU A 223 -7.34 29.99 25.24
CA LEU A 223 -7.42 28.89 26.23
C LEU A 223 -6.25 28.99 27.20
N GLY A 224 -5.46 30.06 27.13
CA GLY A 224 -4.40 30.32 28.14
C GLY A 224 -3.05 29.78 27.73
N PHE A 225 -2.80 29.66 26.42
CA PHE A 225 -1.48 29.20 25.92
C PHE A 225 -0.84 30.26 25.01
N THR A 226 0.30 29.95 24.39
CA THR A 226 1.02 30.88 23.47
C THR A 226 0.48 30.73 22.04
N PRO A 227 -0.16 31.76 21.43
CA PRO A 227 -0.84 31.62 20.12
C PRO A 227 0.00 30.97 18.99
N ASN A 228 1.30 31.23 18.88
CA ASN A 228 2.02 30.71 17.68
C ASN A 228 3.21 29.86 18.08
N ASN A 229 3.14 29.26 19.26
CA ASN A 229 4.18 28.29 19.64
C ASN A 229 3.47 27.00 20.01
N ASP A 230 2.48 27.00 20.92
CA ASP A 230 1.86 25.78 21.48
C ASP A 230 0.44 25.45 21.04
N GLU A 231 0.20 25.15 19.76
CA GLU A 231 -1.16 24.75 19.31
C GLU A 231 -1.32 23.25 19.50
N TYR A 232 -0.23 22.56 19.80
CA TYR A 232 -0.25 21.09 19.95
C TYR A 232 -1.15 20.69 21.12
N LYS A 233 -1.37 21.63 22.04
CA LYS A 233 -2.20 21.35 23.24
C LYS A 233 -3.67 21.32 22.85
N VAL A 234 -4.06 22.07 21.81
CA VAL A 234 -5.45 22.05 21.29
C VAL A 234 -5.65 20.74 20.55
N MET A 235 -4.78 20.43 19.60
CA MET A 235 -4.77 19.13 18.91
C MET A 235 -4.82 18.01 19.96
N GLY A 236 -4.08 18.20 21.07
CA GLY A 236 -3.96 17.22 22.15
C GLY A 236 -5.27 17.09 22.91
N LEU A 237 -5.78 18.25 23.37
CA LEU A 237 -7.08 18.38 24.06
C LEU A 237 -8.17 17.74 23.17
N ALA A 238 -8.19 18.10 21.89
CA ALA A 238 -9.19 17.62 20.90
C ALA A 238 -9.35 16.10 20.99
N GLY A 239 -8.29 15.40 21.39
CA GLY A 239 -8.24 13.92 21.53
C GLY A 239 -9.01 13.43 22.75
N PHE A 240 -9.33 14.27 23.72
CA PHE A 240 -10.13 13.84 24.88
C PHE A 240 -11.62 14.06 24.58
N GLY A 241 -11.93 14.66 23.44
CA GLY A 241 -13.31 15.06 23.12
C GLY A 241 -13.84 14.28 21.94
N LYS A 242 -15.18 14.19 21.87
CA LYS A 242 -15.93 13.71 20.69
C LYS A 242 -16.25 14.92 19.81
N ALA A 243 -15.83 14.93 18.54
CA ALA A 243 -16.11 16.07 17.63
C ALA A 243 -17.62 16.29 17.57
N PRO A 244 -18.08 17.57 17.56
CA PRO A 244 -19.50 17.87 17.39
C PRO A 244 -19.81 17.73 15.89
N ASP A 245 -21.10 17.66 15.54
CA ASP A 245 -21.54 17.71 14.12
C ASP A 245 -21.17 19.08 13.57
N GLU A 246 -20.78 19.13 12.28
CA GLU A 246 -20.24 20.34 11.63
C GLU A 246 -21.30 21.44 11.61
N GLN A 247 -22.59 21.07 11.71
CA GLN A 247 -23.74 22.01 11.78
C GLN A 247 -23.74 22.74 13.13
N ASP A 248 -23.46 22.05 14.24
CA ASP A 248 -23.52 22.59 15.63
C ASP A 248 -22.17 23.16 16.06
N ASN A 249 -21.18 23.17 15.15
CA ASN A 249 -19.84 23.72 15.41
C ASN A 249 -19.90 25.24 15.25
N PRO A 250 -20.03 25.99 16.36
CA PRO A 250 -20.06 27.45 16.31
C PRO A 250 -18.95 28.15 15.47
N LEU A 251 -17.79 27.50 15.29
CA LEU A 251 -16.68 28.05 14.44
C LEU A 251 -16.95 27.85 12.95
N LEU A 252 -17.78 26.87 12.56
CA LEU A 252 -18.09 26.59 11.15
C LEU A 252 -19.36 27.33 10.72
N THR A 253 -20.06 27.94 11.67
CA THR A 253 -21.37 28.61 11.43
C THR A 253 -21.14 30.13 11.37
N LYS A 254 -20.52 30.72 12.41
CA LYS A 254 -20.40 32.19 12.62
C LYS A 254 -19.02 32.75 12.30
N VAL A 255 -17.95 31.95 12.38
CA VAL A 255 -16.56 32.42 12.07
C VAL A 255 -16.19 32.05 10.63
N VAL A 256 -16.33 30.77 10.25
CA VAL A 256 -15.77 30.19 8.99
C VAL A 256 -16.89 29.90 7.99
N THR A 257 -16.86 30.58 6.85
CA THR A 257 -17.81 30.40 5.72
C THR A 257 -17.06 29.68 4.59
N LEU A 258 -17.50 28.45 4.27
CA LEU A 258 -16.98 27.62 3.14
C LEU A 258 -17.61 28.15 1.86
N GLU A 259 -16.86 28.97 1.12
CA GLU A 259 -17.29 29.55 -0.17
C GLU A 259 -16.93 28.59 -1.30
N GLU A 260 -17.69 28.59 -2.39
CA GLU A 260 -17.50 27.74 -3.59
C GLU A 260 -16.11 27.98 -4.19
N GLY A 261 -15.54 26.97 -4.84
CA GLY A 261 -14.23 27.01 -5.51
C GLY A 261 -13.07 26.69 -4.55
N GLY A 262 -13.34 25.95 -3.47
CA GLY A 262 -12.34 25.56 -2.45
C GLY A 262 -11.83 26.76 -1.67
N ARG A 263 -12.69 27.77 -1.50
CA ARG A 263 -12.32 29.05 -0.84
C ARG A 263 -13.04 29.12 0.51
N TYR A 264 -12.77 30.17 1.28
CA TYR A 264 -13.34 30.39 2.63
C TYR A 264 -12.97 31.80 3.11
N SER A 265 -13.79 32.34 4.01
CA SER A 265 -13.58 33.65 4.67
C SER A 265 -13.90 33.56 6.17
N LEU A 266 -13.30 34.43 6.97
CA LEU A 266 -13.55 34.52 8.45
C LEU A 266 -14.33 35.80 8.77
N ALA A 267 -15.34 35.73 9.64
CA ALA A 267 -15.99 36.92 10.25
C ALA A 267 -14.91 37.67 11.03
N LEU A 268 -15.05 38.99 11.19
CA LEU A 268 -14.08 39.83 11.96
C LEU A 268 -12.69 39.83 11.28
N ALA A 269 -12.63 39.57 9.97
CA ALA A 269 -11.36 39.51 9.21
C ALA A 269 -10.93 40.94 8.85
N ASN A 270 -11.82 41.91 9.02
CA ASN A 270 -11.57 43.36 8.76
C ASN A 270 -11.72 44.19 10.04
N ASP A 271 -12.33 43.64 11.09
CA ASP A 271 -12.44 44.29 12.41
C ASP A 271 -11.08 44.90 12.76
N PRO A 272 -11.02 46.21 13.08
CA PRO A 272 -9.74 46.90 13.29
C PRO A 272 -9.06 46.51 14.61
N ARG A 273 -9.82 45.96 15.56
CA ARG A 273 -9.31 45.64 16.92
C ARG A 273 -8.19 44.59 16.79
N GLY A 274 -7.95 44.09 15.58
CA GLY A 274 -6.84 43.16 15.27
C GLY A 274 -7.28 41.72 15.48
N PRO A 275 -6.36 40.77 15.78
CA PRO A 275 -6.74 39.39 16.01
C PRO A 275 -7.54 39.26 17.31
N ARG A 276 -7.32 40.21 18.23
CA ARG A 276 -7.86 40.13 19.61
C ARG A 276 -9.38 40.34 19.54
N ALA A 277 -9.84 40.91 18.42
CA ALA A 277 -11.26 41.12 18.07
C ALA A 277 -12.08 39.83 18.27
N TYR A 278 -11.49 38.66 18.03
CA TYR A 278 -12.27 37.40 18.06
C TYR A 278 -12.46 36.93 19.49
N ASP A 279 -11.56 37.34 20.37
CA ASP A 279 -11.62 36.87 21.77
C ASP A 279 -13.06 37.04 22.27
N PRO A 280 -13.65 38.24 22.21
CA PRO A 280 -15.04 38.46 22.63
C PRO A 280 -16.07 37.56 21.95
N LEU A 281 -15.82 37.12 20.72
CA LEU A 281 -16.80 36.31 19.96
C LEU A 281 -16.80 34.88 20.49
N PHE A 282 -15.61 34.30 20.64
CA PHE A 282 -15.51 32.93 21.21
C PHE A 282 -16.26 32.89 22.55
N ASP A 283 -16.08 33.92 23.38
CA ASP A 283 -16.79 34.06 24.69
C ASP A 283 -18.28 33.81 24.45
N GLU A 284 -18.90 34.46 23.45
CA GLU A 284 -20.33 34.29 23.10
C GLU A 284 -20.57 32.85 22.62
N LEU A 285 -19.84 32.46 21.57
CA LEU A 285 -20.01 31.18 20.82
C LEU A 285 -19.90 30.00 21.79
N PHE A 286 -19.01 30.10 22.79
CA PHE A 286 -18.61 28.98 23.67
C PHE A 286 -19.01 29.24 25.12
N ASP A 287 -19.66 30.37 25.41
CA ASP A 287 -20.10 30.71 26.79
C ASP A 287 -18.85 30.75 27.66
N GLY A 288 -17.95 31.68 27.37
CA GLY A 288 -16.68 31.84 28.11
C GLY A 288 -16.79 33.01 29.07
N ASN A 289 -16.57 32.75 30.34
CA ASN A 289 -16.27 33.79 31.36
C ASN A 289 -14.81 33.60 31.77
N ASP A 290 -14.30 34.44 32.67
CA ASP A 290 -12.87 34.41 33.13
C ASP A 290 -12.60 33.18 34.00
N ASP A 291 -13.63 32.52 34.53
CA ASP A 291 -13.47 31.37 35.46
C ASP A 291 -13.38 30.07 34.62
N ASN A 292 -14.17 29.96 33.55
CA ASN A 292 -14.36 28.69 32.82
C ASN A 292 -13.31 28.57 31.70
N ARG A 293 -12.66 29.66 31.28
CA ARG A 293 -11.96 29.67 29.97
C ARG A 293 -10.77 28.73 29.97
N GLN A 294 -10.15 28.46 31.12
CA GLN A 294 -8.91 27.61 31.19
C GLN A 294 -9.19 26.31 31.95
N GLU A 295 -10.45 25.88 31.96
CA GLU A 295 -10.87 24.60 32.61
C GLU A 295 -10.96 23.51 31.55
N PHE A 296 -10.65 22.27 31.95
CA PHE A 296 -10.36 21.13 31.04
C PHE A 296 -11.55 20.86 30.14
N ASP A 297 -12.73 20.66 30.72
CA ASP A 297 -13.95 20.27 29.94
C ASP A 297 -14.27 21.36 28.90
N PHE A 298 -14.02 22.64 29.21
CA PHE A 298 -14.24 23.80 28.31
C PHE A 298 -13.20 23.80 27.18
N ARG A 299 -11.94 23.71 27.58
CA ARG A 299 -10.77 23.66 26.64
C ARG A 299 -11.01 22.54 25.62
N VAL A 300 -11.32 21.33 26.09
CA VAL A 300 -11.57 20.13 25.25
C VAL A 300 -12.65 20.49 24.22
N ARG A 301 -13.62 21.31 24.60
CA ARG A 301 -14.76 21.64 23.72
C ARG A 301 -14.30 22.64 22.65
N VAL A 302 -13.61 23.71 23.02
CA VAL A 302 -13.06 24.69 22.05
C VAL A 302 -12.08 23.96 21.14
N ALA A 303 -11.25 23.09 21.71
CA ALA A 303 -10.21 22.34 20.96
C ALA A 303 -10.91 21.43 19.96
N CYS A 304 -11.97 20.74 20.39
CA CYS A 304 -12.69 19.79 19.50
C CYS A 304 -13.19 20.57 18.28
N ALA A 305 -13.91 21.65 18.55
CA ALA A 305 -14.48 22.56 17.52
C ALA A 305 -13.38 23.08 16.60
N ALA A 306 -12.34 23.68 17.20
CA ALA A 306 -11.16 24.19 16.47
C ALA A 306 -10.56 23.04 15.62
N GLN A 307 -10.27 21.88 16.21
CA GLN A 307 -9.62 20.76 15.48
C GLN A 307 -10.39 20.45 14.18
N GLN A 308 -11.73 20.51 14.20
CA GLN A 308 -12.56 20.12 13.04
C GLN A 308 -12.51 21.17 11.94
N VAL A 309 -12.54 22.44 12.29
CA VAL A 309 -12.50 23.53 11.28
C VAL A 309 -11.27 23.37 10.41
N ILE A 310 -10.14 23.01 11.02
CA ILE A 310 -8.88 22.81 10.26
C ILE A 310 -9.09 21.65 9.31
N GLU A 311 -9.63 20.54 9.82
CA GLU A 311 -9.83 19.32 9.01
C GLU A 311 -10.90 19.59 7.96
N ALA A 312 -11.93 20.32 8.34
CA ALA A 312 -13.08 20.63 7.44
C ALA A 312 -12.59 21.51 6.29
N VAL A 313 -12.00 22.65 6.61
CA VAL A 313 -11.52 23.67 5.63
C VAL A 313 -10.51 23.04 4.68
N THR A 314 -9.37 22.59 5.21
CA THR A 314 -8.28 21.97 4.41
C THR A 314 -8.88 20.89 3.48
N ALA A 315 -9.86 20.10 3.94
CA ALA A 315 -10.56 19.08 3.11
C ALA A 315 -11.27 19.81 1.96
N HIS A 316 -12.14 20.75 2.30
CA HIS A 316 -12.83 21.64 1.34
C HIS A 316 -11.85 22.15 0.29
N GLN A 317 -10.63 22.53 0.71
CA GLN A 317 -9.57 23.09 -0.17
C GLN A 317 -9.13 22.00 -1.15
N LEU A 318 -8.74 20.85 -0.65
CA LEU A 318 -7.99 19.85 -1.44
C LEU A 318 -8.95 19.04 -2.32
N ARG A 319 -10.24 18.98 -1.97
CA ARG A 319 -11.28 18.34 -2.82
C ARG A 319 -11.48 19.18 -4.09
N ALA A 320 -11.35 20.51 -3.98
CA ALA A 320 -11.33 21.44 -5.13
C ALA A 320 -10.04 21.26 -5.95
N LEU A 321 -8.89 21.17 -5.30
CA LEU A 321 -7.57 20.93 -5.96
C LEU A 321 -7.67 19.63 -6.77
N ALA A 322 -8.30 18.60 -6.20
CA ALA A 322 -8.43 17.26 -6.82
C ALA A 322 -9.10 17.44 -8.19
N GLU A 323 -10.23 18.16 -8.23
CA GLU A 323 -10.99 18.46 -9.47
C GLU A 323 -10.25 19.48 -10.34
N ALA A 324 -9.09 19.96 -9.92
CA ALA A 324 -8.28 20.95 -10.67
C ALA A 324 -7.01 20.30 -11.22
N THR A 325 -6.63 19.09 -10.78
CA THR A 325 -5.47 18.35 -11.35
C THR A 325 -5.72 16.86 -11.22
N GLU A 326 -5.13 16.04 -12.11
CA GLU A 326 -5.25 14.56 -12.08
C GLU A 326 -4.13 13.97 -11.20
N LEU A 327 -3.16 14.80 -10.80
CA LEU A 327 -1.99 14.38 -9.99
C LEU A 327 -2.52 13.96 -8.62
N ARG A 328 -2.07 12.82 -8.07
CA ARG A 328 -2.61 12.26 -6.80
C ARG A 328 -1.51 12.13 -5.74
N ASP A 329 -0.42 12.87 -5.93
CA ASP A 329 0.70 13.05 -4.97
C ASP A 329 0.66 14.51 -4.49
N LEU A 330 0.55 14.72 -3.18
CA LEU A 330 0.41 16.06 -2.55
C LEU A 330 1.72 16.46 -1.87
N ILE A 331 2.00 17.75 -1.83
CA ILE A 331 2.99 18.37 -0.93
C ILE A 331 2.23 19.32 0.00
N PHE A 332 2.20 19.00 1.29
CA PHE A 332 1.55 19.88 2.30
C PHE A 332 2.65 20.52 3.14
N GLU A 333 2.66 21.85 3.20
CA GLU A 333 3.68 22.62 3.95
C GLU A 333 3.02 23.91 4.44
N GLY A 334 3.60 24.52 5.47
CA GLY A 334 3.01 25.66 6.18
C GLY A 334 2.74 25.31 7.63
N GLY A 335 2.52 26.31 8.47
CA GLY A 335 2.19 26.12 9.88
C GLY A 335 1.23 24.97 10.05
N LEU A 336 0.14 24.96 9.29
CA LEU A 336 -1.03 24.09 9.59
C LEU A 336 -0.68 22.61 9.40
N ALA A 337 0.47 22.32 8.76
CA ALA A 337 0.98 20.94 8.55
C ALA A 337 1.72 20.47 9.79
N LEU A 338 1.77 21.32 10.82
CA LEU A 338 2.22 20.86 12.15
C LEU A 338 1.08 20.10 12.81
N ASN A 339 -0.14 20.18 12.26
CA ASN A 339 -1.31 19.44 12.80
C ASN A 339 -1.26 17.99 12.31
N CYS A 340 -0.33 17.18 12.84
CA CYS A 340 -0.05 15.80 12.35
C CYS A 340 -1.34 14.96 12.37
N VAL A 341 -2.31 15.28 13.22
CA VAL A 341 -3.60 14.53 13.35
C VAL A 341 -4.41 14.71 12.06
N ASN A 342 -4.64 15.97 11.67
CA ASN A 342 -5.34 16.31 10.40
C ASN A 342 -4.59 15.68 9.22
N ASN A 343 -3.27 15.86 9.16
CA ASN A 343 -2.40 15.40 8.02
C ASN A 343 -2.82 13.98 7.61
N THR A 344 -3.07 13.10 8.59
CA THR A 344 -3.37 11.67 8.34
C THR A 344 -4.81 11.54 7.84
N LYS A 345 -5.72 12.41 8.31
CA LYS A 345 -7.11 12.50 7.79
C LYS A 345 -7.12 12.88 6.31
N LEU A 346 -6.40 13.94 5.94
CA LEU A 346 -6.27 14.41 4.53
C LEU A 346 -5.79 13.24 3.67
N LEU A 347 -4.84 12.46 4.18
CA LEU A 347 -4.31 11.31 3.41
C LEU A 347 -5.40 10.25 3.21
N GLU A 348 -6.24 9.96 4.20
CA GLU A 348 -7.05 8.71 4.22
C GLU A 348 -8.47 8.93 3.71
N GLU A 349 -8.96 10.17 3.77
CA GLU A 349 -10.38 10.51 3.49
C GLU A 349 -10.49 11.34 2.23
N LEU A 350 -9.35 11.69 1.61
CA LEU A 350 -9.29 12.50 0.36
C LEU A 350 -8.57 11.72 -0.73
N PRO A 351 -8.87 12.05 -2.01
CA PRO A 351 -8.39 11.26 -3.15
C PRO A 351 -6.88 11.27 -3.39
N PHE A 352 -6.08 12.05 -2.64
CA PHE A 352 -4.61 12.09 -2.83
C PHE A 352 -4.00 10.85 -2.18
N THR A 353 -3.21 10.08 -2.93
CA THR A 353 -2.65 8.76 -2.53
C THR A 353 -1.34 8.94 -1.78
N ARG A 354 -0.71 10.11 -1.92
CA ARG A 354 0.54 10.43 -1.18
C ARG A 354 0.45 11.88 -0.72
N VAL A 355 0.23 12.10 0.56
CA VAL A 355 0.46 13.41 1.23
C VAL A 355 1.84 13.37 1.89
N GLU A 356 2.67 14.37 1.64
CA GLU A 356 4.07 14.42 2.13
C GLU A 356 4.30 15.76 2.84
N VAL A 357 4.70 15.68 4.11
CA VAL A 357 4.95 16.84 5.02
C VAL A 357 6.33 16.66 5.63
N SER A 358 7.21 17.64 5.45
CA SER A 358 8.63 17.60 5.89
C SER A 358 8.76 18.07 7.34
N PHE A 359 9.95 17.87 7.89
CA PHE A 359 10.39 18.38 9.20
C PHE A 359 10.41 19.91 9.13
N GLY A 360 10.54 20.45 7.92
CA GLY A 360 10.52 21.90 7.67
C GLY A 360 9.19 22.36 7.09
N ALA A 361 8.14 21.55 7.26
CA ALA A 361 6.77 22.03 6.94
C ALA A 361 6.64 23.32 7.72
N SER A 362 7.36 23.41 8.84
CA SER A 362 7.28 24.64 9.67
C SER A 362 8.12 25.77 9.03
N ASP A 363 8.23 26.93 9.68
CA ASP A 363 8.94 28.12 9.12
C ASP A 363 10.46 27.90 9.11
N PRO A 364 11.10 27.26 10.10
CA PRO A 364 12.53 27.04 10.03
C PRO A 364 12.91 26.61 8.61
N GLY A 365 11.98 25.92 7.95
CA GLY A 365 12.19 25.31 6.63
C GLY A 365 12.28 26.30 5.48
N VAL A 366 11.77 27.52 5.64
CA VAL A 366 11.84 28.59 4.59
C VAL A 366 13.32 28.91 4.32
N SER A 367 14.17 28.74 5.31
CA SER A 367 15.62 28.97 5.17
C SER A 367 16.21 27.94 4.19
N ILE A 368 15.95 26.67 4.38
CA ILE A 368 16.33 25.61 3.40
C ILE A 368 15.65 25.88 2.05
N GLY A 369 14.33 26.08 2.04
CA GLY A 369 13.53 26.25 0.81
C GLY A 369 13.99 27.44 -0.01
N ALA A 370 14.23 28.59 0.63
CA ALA A 370 14.75 29.79 -0.04
C ALA A 370 15.87 29.38 -1.00
N ALA A 371 16.84 28.64 -0.48
CA ALA A 371 18.02 28.21 -1.26
C ALA A 371 17.60 27.21 -2.35
N ALA A 372 16.69 26.29 -2.06
CA ALA A 372 16.25 25.27 -3.03
C ALA A 372 15.48 25.92 -4.18
N HIS A 373 14.65 26.93 -3.88
CA HIS A 373 13.92 27.73 -4.89
C HIS A 373 14.91 28.39 -5.84
N VAL A 374 15.96 29.01 -5.29
CA VAL A 374 17.01 29.67 -6.10
C VAL A 374 17.75 28.59 -6.90
N ALA A 375 18.25 27.56 -6.24
CA ALA A 375 19.06 26.47 -6.85
C ALA A 375 18.38 25.95 -8.12
N ARG A 376 17.08 25.68 -8.08
CA ARG A 376 16.32 25.09 -9.22
C ARG A 376 16.25 26.06 -10.40
N GLU A 377 15.93 27.34 -10.16
CA GLU A 377 15.82 28.38 -11.23
C GLU A 377 17.16 28.46 -11.98
N LYS A 378 18.28 28.03 -11.36
CA LYS A 378 19.67 28.18 -11.89
C LYS A 378 20.14 26.93 -12.66
N SER A 379 19.25 25.96 -12.91
CA SER A 379 19.52 24.68 -13.64
C SER A 379 20.41 23.76 -12.80
N VAL A 380 20.58 24.11 -11.52
CA VAL A 380 21.38 23.31 -10.54
C VAL A 380 20.58 22.04 -10.24
N ALA A 381 20.95 20.91 -10.85
CA ALA A 381 20.22 19.62 -10.78
C ALA A 381 20.22 19.10 -9.34
N LEU A 382 19.07 19.17 -8.64
CA LEU A 382 18.96 18.90 -7.17
C LEU A 382 19.14 17.40 -6.89
N THR A 383 20.15 17.08 -6.10
CA THR A 383 20.41 15.74 -5.51
C THR A 383 19.30 15.45 -4.50
N PRO A 384 18.50 14.38 -4.68
CA PRO A 384 17.48 14.03 -3.71
C PRO A 384 18.15 13.64 -2.38
N THR A 385 17.54 14.14 -1.31
CA THR A 385 17.98 14.03 0.10
C THR A 385 16.75 13.71 0.96
N GLU A 386 16.91 12.91 2.01
CA GLU A 386 15.75 12.59 2.89
C GLU A 386 16.14 12.78 4.36
N SER A 387 17.36 13.24 4.63
CA SER A 387 17.91 13.28 6.01
C SER A 387 17.60 14.61 6.68
N PRO A 388 17.05 14.57 7.92
CA PRO A 388 16.93 15.76 8.77
C PRO A 388 18.19 16.00 9.64
N TYR A 389 19.16 15.09 9.60
CA TYR A 389 20.35 15.11 10.50
C TYR A 389 21.40 16.01 9.86
N LEU A 390 21.13 17.33 9.84
CA LEU A 390 21.79 18.34 8.96
C LEU A 390 22.70 19.29 9.73
N GLY A 391 22.68 19.25 11.07
CA GLY A 391 23.28 20.31 11.91
C GLY A 391 24.62 19.88 12.49
N PRO A 392 25.13 20.56 13.55
CA PRO A 392 26.42 20.23 14.16
C PRO A 392 26.49 18.80 14.69
N GLU A 393 27.71 18.26 14.70
CA GLU A 393 28.10 16.90 15.17
C GLU A 393 29.26 17.09 16.14
N PHE A 394 29.53 16.14 17.04
CA PHE A 394 30.68 16.26 17.98
C PHE A 394 31.51 14.98 17.95
N GLY A 395 32.83 15.17 18.07
CA GLY A 395 33.85 14.11 18.01
C GLY A 395 34.20 13.56 19.39
N GLU A 396 34.84 12.40 19.43
CA GLU A 396 35.20 11.73 20.70
C GLU A 396 35.71 12.81 21.65
N ASP A 397 36.74 13.57 21.23
CA ASP A 397 37.59 14.39 22.13
C ASP A 397 36.76 15.57 22.66
N GLU A 398 36.00 16.26 21.80
CA GLU A 398 35.10 17.40 22.14
C GLU A 398 34.17 17.01 23.29
N ILE A 399 33.65 15.77 23.26
CA ILE A 399 32.78 15.22 24.34
C ILE A 399 33.66 14.97 25.56
N ARG A 400 34.78 14.27 25.40
CA ARG A 400 35.71 14.04 26.54
C ARG A 400 36.12 15.42 27.10
N ALA A 401 36.35 16.42 26.24
CA ALA A 401 36.68 17.83 26.62
C ALA A 401 35.65 18.37 27.61
N THR A 402 34.37 18.41 27.20
CA THR A 402 33.22 18.89 28.03
C THR A 402 33.03 17.98 29.26
N LEU A 403 33.35 16.68 29.19
CA LEU A 403 33.11 15.70 30.31
C LEU A 403 34.21 15.76 31.36
N GLU A 404 35.25 16.56 31.08
CA GLU A 404 36.34 16.88 32.04
C GLU A 404 35.90 18.12 32.80
N GLU A 405 35.16 19.01 32.15
CA GLU A 405 34.64 20.24 32.79
C GLU A 405 33.49 19.90 33.77
N TYR A 406 33.07 18.64 33.90
CA TYR A 406 31.92 18.26 34.79
C TYR A 406 32.28 17.02 35.61
N THR A 407 33.58 16.73 35.80
CA THR A 407 34.04 15.47 36.47
C THR A 407 33.54 15.45 37.91
N SER A 408 33.45 16.62 38.54
CA SER A 408 32.91 16.79 39.91
C SER A 408 31.44 16.37 39.96
N SER A 409 30.76 16.35 38.80
CA SER A 409 29.28 16.20 38.72
C SER A 409 28.89 14.82 38.18
N VAL A 410 29.68 14.24 37.27
CA VAL A 410 29.35 12.96 36.57
C VAL A 410 30.61 12.14 36.29
N THR A 411 30.44 10.81 36.32
CA THR A 411 31.41 9.75 35.87
C THR A 411 30.94 9.26 34.50
N TRP A 412 31.80 8.51 33.79
CA TRP A 412 31.51 7.99 32.43
C TRP A 412 32.35 6.75 32.12
N GLU A 413 32.09 6.14 30.97
CA GLU A 413 32.91 5.05 30.39
C GLU A 413 32.71 5.09 28.89
N GLN A 414 33.77 5.45 28.15
CA GLN A 414 33.84 5.34 26.68
C GLN A 414 33.81 3.86 26.29
N LEU A 415 32.92 3.49 25.36
CA LEU A 415 32.63 2.10 24.99
C LEU A 415 32.82 1.95 23.50
N PRO A 416 32.88 0.70 23.00
CA PRO A 416 32.71 0.44 21.58
C PRO A 416 31.25 0.69 21.21
N SER A 417 31.02 1.20 20.00
CA SER A 417 29.66 1.42 19.44
C SER A 417 28.76 0.18 19.64
N ASP A 418 29.24 -1.01 19.33
CA ASP A 418 28.39 -2.23 19.42
C ASP A 418 27.92 -2.44 20.87
N GLU A 419 28.53 -1.77 21.84
CA GLU A 419 28.26 -2.01 23.30
C GLU A 419 27.61 -0.78 23.96
N VAL A 420 27.86 0.41 23.42
CA VAL A 420 27.09 1.64 23.76
C VAL A 420 25.62 1.34 23.52
N VAL A 421 25.33 0.70 22.39
CA VAL A 421 23.97 0.22 21.98
C VAL A 421 23.49 -0.76 23.04
N GLY A 422 24.20 -1.88 23.21
CA GLY A 422 23.82 -2.99 24.10
C GLY A 422 23.53 -2.56 25.53
N LYS A 423 24.33 -1.66 26.10
CA LYS A 423 24.21 -1.25 27.53
C LYS A 423 22.95 -0.39 27.71
N THR A 424 22.77 0.61 26.86
CA THR A 424 21.56 1.46 26.79
C THR A 424 20.31 0.58 26.71
N ALA A 425 20.32 -0.43 25.84
CA ALA A 425 19.20 -1.39 25.72
C ALA A 425 18.89 -2.01 27.10
N GLU A 426 19.84 -2.64 27.79
CA GLU A 426 19.60 -3.27 29.13
C GLU A 426 19.09 -2.19 30.12
N LEU A 427 19.55 -0.94 29.98
CA LEU A 427 19.07 0.16 30.86
C LEU A 427 17.60 0.40 30.54
N LEU A 428 17.25 0.51 29.26
CA LEU A 428 15.85 0.70 28.79
C LEU A 428 15.00 -0.54 29.09
N THR A 429 15.62 -1.59 29.61
CA THR A 429 14.90 -2.82 30.02
C THR A 429 14.15 -2.44 31.29
N GLY A 430 14.86 -1.88 32.26
CA GLY A 430 14.28 -1.24 33.45
C GLY A 430 13.66 0.10 33.08
N LYS A 431 13.04 0.77 34.06
CA LYS A 431 12.46 2.13 33.88
C LYS A 431 13.56 3.18 33.91
N THR A 432 14.28 3.37 32.81
CA THR A 432 15.26 4.46 32.71
C THR A 432 14.67 5.52 31.75
N VAL A 433 14.82 6.80 32.10
CA VAL A 433 14.71 7.96 31.19
C VAL A 433 16.14 8.35 30.78
N ILE A 434 16.56 7.98 29.58
CA ILE A 434 17.96 8.20 29.12
C ILE A 434 18.01 9.31 28.09
N GLY A 435 19.17 9.93 27.90
CA GLY A 435 19.33 10.96 26.87
C GLY A 435 20.19 10.44 25.74
N TRP A 436 19.77 10.64 24.50
CA TRP A 436 20.50 10.08 23.33
C TRP A 436 21.13 11.22 22.54
N PHE A 437 22.45 11.35 22.61
CA PHE A 437 23.16 12.37 21.80
C PHE A 437 23.99 11.63 20.76
N GLN A 438 23.64 11.80 19.50
CA GLN A 438 24.35 11.08 18.43
C GLN A 438 24.18 11.78 17.09
N GLY A 439 25.13 11.61 16.17
CA GLY A 439 24.98 12.08 14.78
C GLY A 439 24.97 13.59 14.71
N ARG A 440 24.36 14.12 13.67
CA ARG A 440 24.27 15.58 13.42
C ARG A 440 22.91 16.05 13.96
N THR A 441 22.77 17.36 14.23
CA THR A 441 21.58 17.92 14.96
C THR A 441 20.39 17.94 14.01
N GLU A 442 19.35 17.15 14.31
CA GLU A 442 18.06 17.13 13.56
C GLU A 442 17.56 18.58 13.41
N TYR A 443 17.02 18.91 12.24
CA TYR A 443 16.44 20.23 11.90
C TYR A 443 14.94 20.15 12.20
N GLY A 444 14.30 21.26 12.56
CA GLY A 444 12.83 21.32 12.76
C GLY A 444 12.36 21.06 14.19
N PRO A 445 11.04 21.24 14.45
CA PRO A 445 10.49 21.28 15.80
C PRO A 445 10.73 19.98 16.58
N ARG A 446 10.41 18.83 15.96
CA ARG A 446 10.38 17.50 16.60
C ARG A 446 11.77 16.83 16.52
N ALA A 447 12.18 16.17 17.61
CA ALA A 447 13.44 15.40 17.72
C ALA A 447 13.26 14.02 17.08
N LEU A 448 14.25 13.58 16.29
CA LEU A 448 14.19 12.36 15.44
C LEU A 448 15.39 11.44 15.77
N GLY A 449 15.83 11.46 17.04
CA GLY A 449 16.66 10.40 17.62
C GLY A 449 18.15 10.70 17.54
N ASN A 450 18.53 11.96 17.37
CA ASN A 450 19.93 12.40 17.55
C ASN A 450 20.06 13.26 18.81
N ARG A 451 19.08 14.12 19.09
CA ARG A 451 19.00 14.83 20.39
C ARG A 451 17.66 14.45 21.04
N SER A 452 17.58 13.26 21.62
CA SER A 452 16.31 12.66 22.12
C SER A 452 16.52 12.09 23.53
N ILE A 453 15.44 12.08 24.31
CA ILE A 453 15.34 11.36 25.60
C ILE A 453 14.50 10.12 25.31
N LEU A 454 15.13 8.94 25.41
CA LEU A 454 14.48 7.63 25.17
C LEU A 454 13.99 7.09 26.50
N ALA A 455 12.98 6.21 26.46
CA ALA A 455 12.41 5.53 27.64
C ALA A 455 11.54 4.39 27.14
N ASN A 456 11.31 3.39 27.99
CA ASN A 456 10.54 2.20 27.58
C ASN A 456 9.06 2.49 27.75
N PRO A 457 8.25 2.32 26.68
CA PRO A 457 6.82 2.62 26.76
C PRO A 457 5.92 1.52 27.35
N SER A 458 6.50 0.47 27.93
CA SER A 458 5.72 -0.73 28.36
C SER A 458 5.38 -0.61 29.86
N TYR A 459 6.10 0.25 30.57
CA TYR A 459 5.84 0.54 32.00
C TYR A 459 4.57 1.38 32.15
N ALA A 460 3.58 0.79 32.83
CA ALA A 460 2.23 1.36 33.09
C ALA A 460 2.30 2.83 33.51
N ASP A 461 3.30 3.21 34.31
CA ASP A 461 3.40 4.56 34.89
C ASP A 461 4.15 5.50 33.93
N MET A 462 4.79 4.97 32.87
CA MET A 462 5.98 5.62 32.26
C MET A 462 5.72 7.10 31.93
N LYS A 463 4.51 7.43 31.50
CA LYS A 463 4.12 8.81 31.05
C LYS A 463 4.40 9.81 32.16
N ASP A 464 4.08 9.43 33.41
CA ASP A 464 4.24 10.29 34.61
C ASP A 464 5.74 10.32 34.95
N VAL A 465 6.38 9.15 34.91
CA VAL A 465 7.82 8.94 35.26
C VAL A 465 8.71 9.79 34.35
N ILE A 466 8.41 9.86 33.04
CA ILE A 466 9.18 10.70 32.08
C ILE A 466 8.90 12.17 32.46
N ASN A 467 7.62 12.51 32.66
CA ASN A 467 7.15 13.89 32.95
C ASN A 467 7.82 14.37 34.25
N ASN A 468 7.96 13.45 35.20
CA ASN A 468 8.55 13.73 36.54
C ASN A 468 10.06 13.91 36.38
N ARG A 469 10.75 13.06 35.63
CA ARG A 469 12.24 13.14 35.56
C ARG A 469 12.69 14.19 34.55
N VAL A 470 11.97 14.35 33.44
CA VAL A 470 12.38 15.31 32.37
C VAL A 470 11.97 16.73 32.80
N LYS A 471 11.20 16.87 33.88
CA LYS A 471 10.92 18.18 34.53
C LYS A 471 10.04 19.03 33.62
N HIS A 472 9.51 18.46 32.55
CA HIS A 472 8.83 19.31 31.54
C HIS A 472 7.38 18.92 31.45
N ARG A 473 6.76 18.49 32.56
CA ARG A 473 5.41 17.89 32.46
C ARG A 473 4.57 18.80 31.55
N GLU A 474 3.97 18.21 30.53
CA GLU A 474 3.00 18.88 29.63
C GLU A 474 1.74 18.03 29.69
N PRO A 475 0.68 18.48 30.38
CA PRO A 475 -0.51 17.65 30.58
C PRO A 475 -1.18 17.14 29.30
N PHE A 476 -1.14 17.93 28.23
CA PHE A 476 -1.88 17.66 26.96
C PHE A 476 -0.93 17.20 25.85
N ARG A 477 0.38 17.11 26.12
CA ARG A 477 1.39 16.69 25.10
C ARG A 477 1.60 15.17 25.18
N PRO A 478 1.02 14.41 24.22
CA PRO A 478 1.23 12.97 24.16
C PRO A 478 2.69 12.66 23.78
N PHE A 479 3.18 11.49 24.17
CA PHE A 479 4.55 11.06 23.78
C PHE A 479 4.44 10.25 22.49
N ALA A 480 5.53 10.18 21.71
CA ALA A 480 5.54 9.51 20.39
C ALA A 480 6.56 8.38 20.39
N PRO A 481 6.32 7.30 19.62
CA PRO A 481 7.26 6.18 19.60
C PRO A 481 8.18 6.19 18.37
N ILE A 482 9.41 5.68 18.50
CA ILE A 482 10.22 5.23 17.32
C ILE A 482 9.96 3.74 17.14
N VAL A 483 9.89 3.32 15.88
CA VAL A 483 9.61 1.92 15.49
C VAL A 483 10.43 1.64 14.22
N LEU A 484 11.05 0.48 14.12
CA LEU A 484 11.70 0.06 12.86
C LEU A 484 10.60 -0.05 11.79
N GLU A 485 10.84 0.53 10.61
CA GLU A 485 9.85 0.62 9.50
C GLU A 485 9.30 -0.78 9.26
N GLU A 486 10.17 -1.79 9.32
CA GLU A 486 9.81 -3.22 9.09
C GLU A 486 8.78 -3.71 10.11
N ASN A 487 8.43 -2.95 11.14
CA ASN A 487 7.45 -3.37 12.18
C ASN A 487 6.23 -2.43 12.21
N ALA A 488 6.26 -1.33 11.46
CA ALA A 488 5.24 -0.24 11.53
C ALA A 488 3.87 -0.76 11.10
N ALA A 489 3.83 -1.53 10.01
CA ALA A 489 2.62 -2.16 9.43
C ALA A 489 1.90 -2.97 10.51
N ARG A 490 2.65 -3.76 11.29
CA ARG A 490 2.08 -4.73 12.27
C ARG A 490 1.63 -4.01 13.54
N VAL A 491 2.35 -2.95 13.92
CA VAL A 491 2.14 -2.20 15.19
C VAL A 491 1.09 -1.09 14.98
N PHE A 492 1.07 -0.42 13.83
CA PHE A 492 0.13 0.71 13.60
C PHE A 492 -0.80 0.42 12.41
N GLU A 493 -2.00 1.02 12.42
CA GLU A 493 -2.87 1.12 11.22
C GLU A 493 -2.24 2.15 10.28
N MET A 494 -1.30 1.72 9.44
CA MET A 494 -0.43 2.65 8.68
C MET A 494 -1.20 3.24 7.49
N GLY A 495 -2.36 2.65 7.15
CA GLY A 495 -3.20 3.06 6.02
C GLY A 495 -2.41 3.05 4.72
N ARG A 496 -2.40 4.19 4.02
CA ARG A 496 -1.71 4.38 2.71
C ARG A 496 -0.26 4.86 2.85
N LYS A 497 0.42 4.58 3.97
CA LYS A 497 1.86 4.94 4.14
C LYS A 497 2.68 3.67 4.40
N GLU A 498 3.89 3.61 3.86
CA GLU A 498 4.86 2.53 4.18
C GLU A 498 5.74 2.99 5.36
N ARG A 499 5.92 4.30 5.52
CA ARG A 499 6.93 4.87 6.45
C ARG A 499 6.55 6.32 6.80
N SER A 500 6.98 6.79 7.97
CA SER A 500 6.80 8.18 8.45
C SER A 500 8.00 8.54 9.33
N PRO A 501 9.17 8.88 8.72
CA PRO A 501 10.38 9.16 9.50
C PRO A 501 10.44 10.55 10.15
N TYR A 502 9.43 11.41 10.01
CA TYR A 502 9.55 12.81 10.48
C TYR A 502 8.51 13.20 11.53
N MET A 503 7.76 12.26 12.12
CA MET A 503 6.64 12.51 13.07
C MET A 503 5.77 13.67 12.56
N THR A 504 5.50 13.74 11.25
CA THR A 504 4.56 14.74 10.69
C THR A 504 3.18 14.11 10.50
N PHE A 505 3.07 12.81 10.79
CA PHE A 505 1.79 12.03 10.75
C PHE A 505 1.64 11.17 11.99
N VAL A 506 0.36 10.93 12.28
CA VAL A 506 -0.24 10.30 13.48
C VAL A 506 -1.02 9.08 13.00
N PHE A 507 -0.78 7.89 13.54
CA PHE A 507 -1.45 6.62 13.12
C PHE A 507 -2.09 5.92 14.32
N PRO A 508 -3.24 5.23 14.13
CA PRO A 508 -3.87 4.46 15.20
C PRO A 508 -3.04 3.24 15.61
N VAL A 509 -3.17 2.77 16.84
CA VAL A 509 -2.35 1.63 17.34
C VAL A 509 -3.15 0.34 17.29
N ARG A 510 -2.66 -0.64 16.51
CA ARG A 510 -3.28 -1.98 16.41
C ARG A 510 -3.46 -2.55 17.81
N PRO A 511 -4.67 -3.01 18.18
CA PRO A 511 -4.98 -3.31 19.57
C PRO A 511 -4.31 -4.56 20.11
N GLU A 512 -3.42 -5.17 19.31
CA GLU A 512 -2.54 -6.30 19.70
C GLU A 512 -1.24 -5.75 20.31
N TYR A 513 -0.88 -4.48 20.06
CA TYR A 513 0.39 -3.88 20.54
C TYR A 513 0.11 -2.72 21.53
N THR A 514 -1.17 -2.36 21.72
CA THR A 514 -1.58 -1.12 22.44
C THR A 514 -1.11 -1.09 23.91
N GLU A 515 -0.95 -2.25 24.55
CA GLU A 515 -0.52 -2.30 25.97
C GLU A 515 1.00 -2.12 26.04
N LYS A 516 1.74 -2.81 25.16
CA LYS A 516 3.23 -2.78 25.15
C LYS A 516 3.79 -1.38 24.90
N ILE A 517 3.10 -0.53 24.12
CA ILE A 517 3.66 0.79 23.70
C ILE A 517 2.78 1.95 24.19
N ALA A 518 1.91 1.71 25.18
CA ALA A 518 0.81 2.64 25.59
C ALA A 518 1.32 4.03 26.00
N ALA A 519 2.60 4.19 26.37
CA ALA A 519 3.13 5.49 26.81
C ALA A 519 3.51 6.32 25.59
N ALA A 520 3.55 5.71 24.40
CA ALA A 520 3.85 6.38 23.12
C ALA A 520 2.57 6.54 22.32
N THR A 521 1.44 6.63 23.01
CA THR A 521 0.09 6.59 22.39
C THR A 521 -0.73 7.66 23.08
N HIS A 522 -1.70 8.24 22.39
CA HIS A 522 -2.61 9.24 22.99
C HIS A 522 -3.84 8.50 23.52
N VAL A 523 -4.78 9.24 24.07
CA VAL A 523 -6.07 8.66 24.44
C VAL A 523 -6.75 8.21 23.15
N ASP A 524 -6.34 8.76 22.00
CA ASP A 524 -6.94 8.48 20.67
C ASP A 524 -6.62 7.06 20.24
N ALA A 525 -5.80 6.32 20.99
CA ALA A 525 -5.17 5.09 20.46
C ALA A 525 -4.26 5.49 19.30
N THR A 526 -3.94 6.80 19.21
CA THR A 526 -3.11 7.36 18.11
C THR A 526 -1.67 7.50 18.59
N SER A 527 -0.75 7.71 17.66
CA SER A 527 0.72 7.78 17.94
C SER A 527 1.43 8.59 16.86
N ARG A 528 2.21 9.58 17.25
CA ARG A 528 2.97 10.40 16.27
C ARG A 528 4.26 9.65 15.89
N ILE A 529 4.17 8.55 15.16
CA ILE A 529 5.33 7.62 15.00
C ILE A 529 6.47 8.28 14.18
N GLN A 530 7.66 7.73 14.43
CA GLN A 530 8.91 7.84 13.63
C GLN A 530 9.35 6.45 13.19
N THR A 531 9.19 6.14 11.90
CA THR A 531 9.84 4.97 11.26
C THR A 531 11.36 5.21 11.20
N VAL A 532 12.13 4.19 11.56
CA VAL A 532 13.63 4.17 11.58
C VAL A 532 14.10 3.00 10.71
N THR A 533 15.23 3.16 10.03
CA THR A 533 15.96 2.09 9.30
C THR A 533 17.46 2.19 9.62
N GLU A 534 18.24 1.21 9.18
CA GLU A 534 19.72 1.19 9.33
C GLU A 534 20.26 2.32 8.42
N ASP A 535 19.50 2.66 7.39
CA ASP A 535 19.88 3.79 6.50
C ASP A 535 19.51 5.15 7.13
N SER A 536 18.35 5.29 7.80
CA SER A 536 17.89 6.64 8.29
C SER A 536 18.79 7.09 9.45
N ASN A 537 18.97 6.20 10.44
CA ASN A 537 19.73 6.42 11.71
C ASN A 537 20.34 5.10 12.19
N PRO A 538 21.50 4.67 11.63
CA PRO A 538 22.10 3.38 11.96
C PRO A 538 22.12 3.04 13.46
N ARG A 539 22.45 4.01 14.32
CA ARG A 539 22.68 3.74 15.77
C ARG A 539 21.35 3.62 16.50
N LEU A 540 20.32 4.33 16.03
CA LEU A 540 18.95 4.30 16.61
C LEU A 540 18.28 3.00 16.19
N ALA A 541 18.53 2.56 14.96
CA ALA A 541 18.08 1.24 14.43
C ALA A 541 18.75 0.11 15.23
N ALA A 542 20.06 0.21 15.48
CA ALA A 542 20.81 -0.75 16.30
C ALA A 542 20.17 -0.85 17.68
N LEU A 543 19.96 0.31 18.31
CA LEU A 543 19.34 0.42 19.65
C LEU A 543 17.98 -0.26 19.66
N LEU A 544 17.07 0.18 18.79
CA LEU A 544 15.68 -0.36 18.75
C LEU A 544 15.75 -1.89 18.72
N ARG A 545 16.43 -2.45 17.72
CA ARG A 545 16.42 -3.90 17.44
C ARG A 545 16.80 -4.63 18.72
N GLU A 546 17.87 -4.18 19.39
CA GLU A 546 18.44 -4.86 20.58
C GLU A 546 17.46 -4.80 21.74
N PHE A 547 16.92 -3.61 22.03
CA PHE A 547 15.93 -3.38 23.11
C PHE A 547 14.70 -4.28 22.88
N THR A 548 14.23 -4.37 21.62
CA THR A 548 13.06 -5.23 21.26
C THR A 548 13.46 -6.66 21.61
N SER A 549 14.62 -7.09 21.13
CA SER A 549 15.11 -8.47 21.32
C SER A 549 15.16 -8.81 22.82
N ARG A 550 15.41 -7.83 23.71
CA ARG A 550 15.53 -8.09 25.16
C ARG A 550 14.16 -8.00 25.86
N THR A 551 13.27 -7.16 25.33
CA THR A 551 12.03 -6.73 26.03
C THR A 551 10.80 -7.25 25.30
N ASP A 552 10.95 -7.61 24.03
CA ASP A 552 9.82 -8.02 23.15
C ASP A 552 8.87 -6.82 22.98
N VAL A 553 9.40 -5.60 23.04
CA VAL A 553 8.65 -4.31 22.89
C VAL A 553 9.12 -3.63 21.60
N PRO A 554 8.20 -3.40 20.64
CA PRO A 554 8.60 -2.95 19.31
C PRO A 554 8.97 -1.45 19.18
N CYS A 555 8.74 -0.67 20.22
CA CYS A 555 8.92 0.81 20.15
C CYS A 555 9.62 1.34 21.40
N LEU A 556 10.44 2.36 21.21
CA LEU A 556 10.88 3.23 22.33
C LEU A 556 10.10 4.54 22.25
N VAL A 557 10.12 5.31 23.33
CA VAL A 557 9.60 6.70 23.32
C VAL A 557 10.74 7.62 22.94
N ASN A 558 10.51 8.53 21.99
CA ASN A 558 11.48 9.56 21.55
C ASN A 558 10.88 10.91 21.87
N THR A 559 11.39 11.58 22.90
CA THR A 559 10.89 12.89 23.35
C THR A 559 12.06 13.88 23.24
N SER A 560 11.77 15.16 23.04
CA SER A 560 12.83 16.16 22.75
C SER A 560 13.75 16.30 23.96
N PHE A 561 15.07 16.30 23.72
CA PHE A 561 16.12 16.47 24.75
C PHE A 561 16.27 17.98 25.05
N ASN A 562 15.42 18.51 25.92
CA ASN A 562 15.51 19.90 26.43
C ASN A 562 14.88 20.01 27.83
N VAL A 563 15.05 21.17 28.44
CA VAL A 563 14.28 21.59 29.64
C VAL A 563 13.15 22.49 29.09
N ALA A 564 12.15 22.80 29.91
CA ALA A 564 10.92 23.54 29.49
C ALA A 564 11.33 24.89 28.92
N GLY A 565 10.76 25.28 27.77
CA GLY A 565 10.92 26.62 27.17
C GLY A 565 12.23 26.74 26.41
N GLU A 566 13.16 25.84 26.71
CA GLU A 566 14.52 25.71 26.14
C GLU A 566 14.35 25.01 24.79
N PRO A 567 15.03 25.45 23.71
CA PRO A 567 15.04 24.68 22.46
C PRO A 567 15.80 23.35 22.67
N ILE A 568 15.80 22.50 21.65
CA ILE A 568 16.49 21.17 21.64
C ILE A 568 17.97 21.43 21.88
N VAL A 569 18.58 20.68 22.80
CA VAL A 569 20.05 20.67 23.09
C VAL A 569 20.80 20.53 21.76
N CYS A 570 21.82 21.37 21.51
CA CYS A 570 22.62 21.35 20.24
C CYS A 570 23.99 20.70 20.45
N SER A 571 24.67 21.11 21.52
CA SER A 571 26.09 20.80 21.84
C SER A 571 26.17 19.75 22.95
N PRO A 572 27.37 19.18 23.19
CA PRO A 572 27.57 18.30 24.34
C PRO A 572 27.32 19.02 25.66
N LYS A 573 27.84 20.24 25.82
CA LYS A 573 27.59 21.14 26.99
C LYS A 573 26.08 21.22 27.23
N ASP A 574 25.36 21.64 26.19
CA ASP A 574 23.87 21.77 26.17
C ASP A 574 23.27 20.51 26.81
N ALA A 575 23.69 19.33 26.35
CA ALA A 575 23.17 18.01 26.80
C ALA A 575 23.48 17.77 28.28
N VAL A 576 24.72 18.01 28.68
CA VAL A 576 25.21 17.68 30.05
C VAL A 576 24.49 18.62 31.03
N GLU A 577 24.32 19.89 30.66
CA GLU A 577 23.67 20.92 31.51
C GLU A 577 22.20 20.50 31.73
N CYS A 578 21.53 20.01 30.69
CA CYS A 578 20.14 19.49 30.76
C CYS A 578 20.09 18.27 31.66
N PHE A 579 20.95 17.29 31.38
CA PHE A 579 21.10 16.04 32.17
C PHE A 579 21.06 16.38 33.66
N LEU A 580 21.85 17.38 34.06
CA LEU A 580 22.20 17.67 35.48
C LEU A 580 21.15 18.58 36.14
N GLY A 581 20.43 19.39 35.34
CA GLY A 581 19.26 20.18 35.77
C GLY A 581 17.93 19.43 35.64
N THR A 582 17.98 18.11 35.41
CA THR A 582 16.82 17.19 35.32
C THR A 582 17.11 15.97 36.22
N ASP A 583 16.27 14.92 36.18
CA ASP A 583 16.47 13.64 36.91
C ASP A 583 16.43 12.48 35.90
N ILE A 584 16.83 12.79 34.67
CA ILE A 584 17.24 11.78 33.65
C ILE A 584 18.29 10.89 34.29
N ASP A 585 18.19 9.56 34.13
CA ASP A 585 18.98 8.58 34.93
C ASP A 585 20.38 8.37 34.36
N HIS A 586 20.52 8.46 33.03
CA HIS A 586 21.83 8.41 32.35
C HIS A 586 21.77 9.25 31.09
N LEU A 587 22.92 9.76 30.67
CA LEU A 587 23.15 10.34 29.33
C LEU A 587 24.08 9.42 28.54
N VAL A 588 23.66 9.03 27.33
CA VAL A 588 24.54 8.42 26.31
C VAL A 588 24.85 9.54 25.31
N ILE A 589 26.08 10.04 25.30
CA ILE A 589 26.53 11.07 24.31
C ILE A 589 27.71 10.50 23.54
N GLY A 590 27.53 10.25 22.24
CA GLY A 590 28.55 9.64 21.37
C GLY A 590 28.82 8.20 21.79
N ASP A 591 30.04 7.89 22.24
CA ASP A 591 30.40 6.53 22.72
C ASP A 591 30.61 6.52 24.22
N PHE A 592 30.10 7.53 24.93
CA PHE A 592 30.27 7.68 26.39
C PHE A 592 28.92 7.39 27.02
N LEU A 593 28.86 6.37 27.88
CA LEU A 593 27.68 6.10 28.76
C LEU A 593 27.89 6.84 30.09
N VAL A 594 27.38 8.07 30.14
CA VAL A 594 27.56 9.03 31.27
C VAL A 594 26.58 8.66 32.41
N SER A 595 27.07 8.67 33.65
CA SER A 595 26.27 8.47 34.89
C SER A 595 26.56 9.64 35.86
N LYS A 596 25.59 10.01 36.70
CA LYS A 596 25.71 11.07 37.73
C LYS A 596 26.34 10.48 39.00
N ARG A 597 26.95 11.32 39.85
CA ARG A 597 27.58 10.88 41.13
C ARG A 597 26.86 11.57 42.30
N MET B 1 13.45 -30.57 -31.59
CA MET B 1 13.04 -31.00 -30.21
C MET B 1 11.57 -30.65 -29.93
N ILE B 2 10.64 -31.51 -30.37
CA ILE B 2 9.15 -31.31 -30.32
C ILE B 2 8.59 -32.15 -29.14
N ILE B 3 7.99 -31.50 -28.12
CA ILE B 3 7.42 -32.16 -26.91
C ILE B 3 5.95 -31.75 -26.74
N LEU B 4 5.07 -32.74 -26.59
CA LEU B 4 3.61 -32.56 -26.35
C LEU B 4 3.27 -33.08 -24.95
N GLY B 5 2.97 -32.18 -24.00
CA GLY B 5 2.40 -32.49 -22.67
C GLY B 5 0.90 -32.71 -22.77
N TYR B 6 0.32 -33.63 -21.98
CA TYR B 6 -1.14 -33.94 -22.04
C TYR B 6 -1.67 -34.46 -20.70
N ASN B 7 -3.01 -34.51 -20.59
CA ASN B 7 -3.77 -34.90 -19.37
C ASN B 7 -5.16 -35.38 -19.77
N GLY B 8 -5.61 -36.48 -19.16
CA GLY B 8 -6.82 -37.21 -19.56
C GLY B 8 -6.63 -38.71 -19.53
N PHE B 9 -7.64 -39.42 -19.01
CA PHE B 9 -7.79 -40.89 -19.12
C PHE B 9 -9.25 -41.13 -19.55
N SER B 10 -9.44 -41.72 -20.72
CA SER B 10 -10.77 -41.92 -21.35
C SER B 10 -11.77 -42.49 -20.34
N GLN B 11 -11.53 -43.72 -19.91
CA GLN B 11 -12.49 -44.52 -19.10
C GLN B 11 -12.32 -44.23 -17.60
N ILE B 12 -11.45 -43.29 -17.22
CA ILE B 12 -11.32 -42.83 -15.79
C ILE B 12 -12.71 -42.42 -15.24
N ALA B 13 -13.54 -41.77 -16.05
CA ALA B 13 -14.90 -41.32 -15.65
C ALA B 13 -15.77 -42.54 -15.33
N GLU B 14 -16.02 -43.39 -16.32
CA GLU B 14 -16.90 -44.57 -16.16
C GLU B 14 -16.37 -45.42 -15.00
N LEU B 15 -15.06 -45.37 -14.72
CA LEU B 15 -14.46 -46.15 -13.61
C LEU B 15 -14.91 -45.51 -12.29
N PHE B 16 -14.57 -44.24 -12.05
CA PHE B 16 -14.86 -43.51 -10.79
C PHE B 16 -16.38 -43.45 -10.52
N GLY B 17 -17.20 -43.47 -11.58
CA GLY B 17 -18.67 -43.45 -11.49
C GLY B 17 -19.21 -44.74 -10.89
N ARG B 18 -18.70 -45.88 -11.38
CA ARG B 18 -19.10 -47.26 -10.97
C ARG B 18 -18.39 -47.69 -9.67
N LEU B 19 -17.07 -47.56 -9.61
CA LEU B 19 -16.26 -48.09 -8.49
C LEU B 19 -16.45 -47.25 -7.21
N TYR B 20 -16.76 -45.96 -7.31
CA TYR B 20 -16.80 -45.03 -6.14
C TYR B 20 -18.08 -44.16 -6.13
N GLY B 21 -18.99 -44.30 -7.11
CA GLY B 21 -20.29 -43.61 -7.12
C GLY B 21 -20.15 -42.10 -7.29
N TYR B 22 -19.11 -41.69 -8.02
CA TYR B 22 -18.84 -40.29 -8.45
C TYR B 22 -19.40 -40.15 -9.87
N THR B 23 -20.69 -40.45 -10.03
CA THR B 23 -21.36 -40.40 -11.36
C THR B 23 -21.48 -38.94 -11.81
N ALA B 24 -21.60 -38.70 -13.11
CA ALA B 24 -21.58 -37.35 -13.74
C ALA B 24 -22.73 -36.47 -13.26
N ASP B 25 -23.80 -37.03 -12.67
CA ASP B 25 -24.92 -36.22 -12.09
C ASP B 25 -24.71 -36.04 -10.58
N SER B 26 -23.57 -36.45 -10.03
CA SER B 26 -23.24 -36.26 -8.59
C SER B 26 -22.57 -34.89 -8.40
N VAL B 27 -22.52 -34.39 -7.17
CA VAL B 27 -21.72 -33.18 -6.79
C VAL B 27 -20.23 -33.53 -6.87
N ASP B 28 -19.90 -34.81 -6.88
CA ASP B 28 -18.48 -35.25 -6.84
C ASP B 28 -17.90 -35.39 -8.27
N ARG B 29 -18.72 -35.12 -9.29
CA ARG B 29 -18.43 -35.39 -10.74
C ARG B 29 -17.09 -34.76 -11.20
N HIS B 30 -16.61 -33.71 -10.54
CA HIS B 30 -15.35 -33.02 -10.87
C HIS B 30 -14.32 -33.23 -9.76
N SER B 31 -14.54 -34.21 -8.85
CA SER B 31 -13.70 -34.45 -7.64
C SER B 31 -12.80 -35.69 -7.81
N PHE B 32 -12.89 -36.38 -8.94
CA PHE B 32 -11.94 -37.44 -9.36
C PHE B 32 -11.03 -36.91 -10.48
N LEU B 33 -9.75 -37.31 -10.42
CA LEU B 33 -8.61 -36.67 -11.16
C LEU B 33 -8.67 -36.93 -12.67
N GLY B 34 -7.76 -36.29 -13.40
CA GLY B 34 -7.70 -36.28 -14.88
C GLY B 34 -8.61 -35.22 -15.46
N HIS B 35 -9.33 -34.51 -14.58
CA HIS B 35 -10.16 -33.32 -14.89
C HIS B 35 -9.23 -32.18 -15.30
N ASP B 36 -9.75 -31.22 -16.06
CA ASP B 36 -8.98 -30.05 -16.57
C ASP B 36 -7.99 -30.58 -17.61
N ALA B 37 -8.50 -31.42 -18.52
CA ALA B 37 -7.71 -32.20 -19.51
C ALA B 37 -7.48 -31.40 -20.80
N ALA B 38 -6.27 -31.50 -21.34
CA ALA B 38 -5.69 -30.56 -22.34
C ALA B 38 -4.48 -31.16 -23.07
N ALA B 39 -4.00 -30.43 -24.08
CA ALA B 39 -2.73 -30.68 -24.82
C ALA B 39 -1.89 -29.39 -24.85
N ALA B 40 -0.55 -29.49 -24.89
CA ALA B 40 0.40 -28.35 -24.98
C ALA B 40 1.64 -28.75 -25.78
N LEU B 41 2.20 -27.87 -26.61
CA LEU B 41 3.24 -28.25 -27.60
C LEU B 41 4.44 -27.30 -27.60
N PHE B 42 5.54 -27.72 -26.95
CA PHE B 42 6.86 -27.04 -27.01
C PHE B 42 7.72 -27.60 -28.15
N VAL B 43 7.49 -27.08 -29.36
CA VAL B 43 8.42 -27.14 -30.54
C VAL B 43 9.67 -26.28 -30.25
N ASP B 44 10.81 -26.89 -29.89
CA ASP B 44 12.14 -26.23 -29.77
C ASP B 44 12.12 -25.09 -28.72
N GLY B 45 11.58 -25.33 -27.52
CA GLY B 45 11.63 -24.37 -26.40
C GLY B 45 10.61 -23.24 -26.50
N GLU B 46 9.70 -23.28 -27.48
CA GLU B 46 8.63 -22.26 -27.72
C GLU B 46 7.25 -22.93 -27.62
N LEU B 47 6.32 -22.38 -26.85
CA LEU B 47 4.92 -22.89 -26.75
C LEU B 47 4.12 -22.40 -27.97
N VAL B 48 3.88 -23.28 -28.94
CA VAL B 48 3.33 -22.94 -30.29
C VAL B 48 1.81 -23.22 -30.30
N ALA B 49 1.31 -24.00 -29.35
CA ALA B 49 -0.13 -24.30 -29.21
C ALA B 49 -0.46 -24.85 -27.83
N ALA B 50 -1.72 -24.66 -27.41
CA ALA B 50 -2.28 -25.17 -26.13
C ALA B 50 -3.79 -24.86 -26.07
N VAL B 51 -4.59 -25.89 -25.82
CA VAL B 51 -6.07 -25.79 -25.73
C VAL B 51 -6.56 -26.86 -24.76
N GLU B 52 -7.69 -26.64 -24.11
CA GLU B 52 -8.29 -27.61 -23.14
C GLU B 52 -9.39 -28.41 -23.83
N GLU B 53 -9.35 -29.73 -23.71
CA GLU B 53 -10.35 -30.63 -24.34
C GLU B 53 -11.76 -30.15 -23.96
N GLU B 54 -11.93 -29.50 -22.81
CA GLU B 54 -13.26 -28.99 -22.38
C GLU B 54 -13.78 -27.98 -23.43
N ARG B 55 -12.87 -27.19 -24.03
CA ARG B 55 -13.19 -26.14 -25.04
C ARG B 55 -13.72 -26.80 -26.33
N MET B 56 -13.22 -28.01 -26.62
CA MET B 56 -13.45 -28.75 -27.90
C MET B 56 -14.68 -29.66 -27.75
N ASN B 57 -14.68 -30.56 -26.75
CA ASN B 57 -15.81 -31.51 -26.52
C ASN B 57 -16.98 -30.79 -25.83
N ARG B 58 -16.75 -29.59 -25.26
CA ARG B 58 -17.79 -28.74 -24.60
C ARG B 58 -18.33 -29.38 -23.32
N GLN B 59 -17.51 -30.14 -22.59
CA GLN B 59 -17.86 -30.75 -21.27
C GLN B 59 -16.99 -30.12 -20.18
N LYS B 60 -17.57 -29.22 -19.39
CA LYS B 60 -16.86 -28.50 -18.30
C LYS B 60 -16.03 -29.52 -17.52
N LYS B 61 -14.72 -29.25 -17.41
CA LYS B 61 -13.69 -29.95 -16.59
C LYS B 61 -13.53 -31.41 -17.04
N THR B 62 -13.69 -31.66 -18.34
CA THR B 62 -13.63 -33.03 -18.92
C THR B 62 -12.36 -33.80 -18.48
N THR B 63 -12.51 -35.12 -18.34
CA THR B 63 -11.42 -36.06 -17.95
C THR B 63 -11.06 -36.90 -19.18
N ALA B 64 -11.77 -36.72 -20.29
CA ALA B 64 -11.57 -37.47 -21.55
C ALA B 64 -10.09 -37.45 -21.97
N PHE B 65 -9.65 -38.45 -22.73
CA PHE B 65 -8.37 -38.37 -23.46
C PHE B 65 -8.42 -37.10 -24.30
N PRO B 66 -7.45 -36.18 -24.17
CA PRO B 66 -7.49 -34.92 -24.89
C PRO B 66 -7.14 -35.13 -26.37
N ALA B 67 -8.07 -35.70 -27.15
CA ALA B 67 -7.85 -36.05 -28.57
C ALA B 67 -7.88 -34.77 -29.42
N ASN B 68 -8.99 -34.02 -29.37
CA ASN B 68 -9.20 -32.77 -30.16
C ASN B 68 -8.11 -31.74 -29.79
N ALA B 69 -7.74 -31.68 -28.53
CA ALA B 69 -6.72 -30.73 -28.05
C ALA B 69 -5.37 -31.18 -28.58
N MET B 70 -5.09 -32.49 -28.59
CA MET B 70 -3.84 -33.05 -29.16
C MET B 70 -3.84 -32.77 -30.67
N ARG B 71 -4.81 -33.33 -31.40
CA ARG B 71 -4.86 -33.19 -32.88
C ARG B 71 -4.62 -31.72 -33.24
N TRP B 72 -5.53 -30.82 -32.84
CA TRP B 72 -5.44 -29.36 -33.10
C TRP B 72 -4.03 -28.86 -32.80
N CYS B 73 -3.48 -29.23 -31.63
CA CYS B 73 -2.12 -28.84 -31.21
C CYS B 73 -1.11 -29.18 -32.33
N LEU B 74 -1.25 -30.36 -32.95
CA LEU B 74 -0.32 -30.84 -34.01
C LEU B 74 -0.67 -30.18 -35.34
N GLU B 75 -1.95 -30.14 -35.70
CA GLU B 75 -2.42 -29.52 -36.96
C GLU B 75 -1.93 -28.06 -37.01
N GLN B 76 -1.89 -27.37 -35.87
CA GLN B 76 -1.38 -25.98 -35.74
C GLN B 76 0.08 -25.91 -36.23
N ALA B 77 0.95 -26.82 -35.78
CA ALA B 77 2.40 -26.82 -36.11
C ALA B 77 2.62 -27.33 -37.54
N GLY B 78 1.63 -28.04 -38.09
CA GLY B 78 1.71 -28.78 -39.37
C GLY B 78 2.61 -30.01 -39.26
N ILE B 79 2.67 -30.63 -38.08
CA ILE B 79 3.43 -31.88 -37.80
C ILE B 79 2.44 -33.04 -37.61
N SER B 80 2.94 -34.27 -37.44
CA SER B 80 2.13 -35.48 -37.10
C SER B 80 2.64 -36.11 -35.79
N TYR B 81 2.02 -37.21 -35.36
CA TYR B 81 2.30 -37.87 -34.04
C TYR B 81 3.75 -38.38 -34.03
N GLU B 82 4.13 -39.10 -35.07
CA GLU B 82 5.48 -39.70 -35.15
C GLU B 82 6.53 -38.63 -34.91
N ASP B 83 6.25 -37.40 -35.32
CA ASP B 83 7.26 -36.32 -35.26
C ASP B 83 7.54 -35.89 -33.82
N VAL B 84 6.61 -36.15 -32.90
CA VAL B 84 6.80 -35.65 -31.50
C VAL B 84 7.96 -36.41 -30.87
N ASP B 85 9.08 -35.72 -30.61
CA ASP B 85 10.29 -36.37 -30.05
C ASP B 85 9.98 -37.03 -28.70
N TYR B 86 9.12 -36.42 -27.91
CA TYR B 86 8.69 -36.97 -26.59
C TYR B 86 7.27 -36.52 -26.25
N TYR B 87 6.55 -37.37 -25.53
CA TYR B 87 5.20 -37.09 -24.95
C TYR B 87 5.35 -37.01 -23.43
N ALA B 88 4.78 -35.97 -22.83
CA ALA B 88 4.75 -35.81 -21.36
C ALA B 88 3.31 -36.02 -20.86
N PHE B 89 3.15 -36.50 -19.62
CA PHE B 89 1.86 -36.73 -18.94
C PHE B 89 1.94 -36.21 -17.51
N GLY B 90 0.82 -35.67 -17.02
CA GLY B 90 0.77 -34.85 -15.78
C GLY B 90 0.76 -35.66 -14.50
N TRP B 91 0.89 -36.99 -14.59
CA TRP B 91 0.91 -37.85 -13.40
C TRP B 91 2.00 -38.92 -13.57
N ASN B 92 2.86 -39.06 -12.56
CA ASN B 92 3.88 -40.13 -12.47
C ASN B 92 3.39 -41.22 -11.51
N PHE B 93 2.46 -42.05 -11.99
CA PHE B 93 1.99 -43.26 -11.29
C PHE B 93 2.94 -44.40 -11.64
N THR B 94 4.03 -44.47 -10.87
CA THR B 94 5.11 -45.51 -10.94
C THR B 94 4.64 -46.74 -10.18
N ALA B 95 4.92 -47.95 -10.68
CA ALA B 95 4.46 -49.20 -10.05
C ALA B 95 4.78 -49.20 -8.56
N GLU B 96 5.72 -48.37 -8.13
CA GLU B 96 6.06 -48.22 -6.69
C GLU B 96 4.87 -47.60 -5.96
N PHE B 97 4.17 -46.68 -6.64
CA PHE B 97 2.92 -46.07 -6.14
C PHE B 97 1.91 -47.19 -5.83
N ALA B 98 1.72 -48.11 -6.78
CA ALA B 98 0.71 -49.18 -6.66
C ALA B 98 1.04 -50.05 -5.44
N ASP B 99 2.30 -50.47 -5.29
CA ASP B 99 2.73 -51.32 -4.17
C ASP B 99 2.36 -50.61 -2.86
N ALA B 100 2.69 -49.32 -2.72
CA ALA B 100 2.43 -48.58 -1.46
C ALA B 100 0.92 -48.49 -1.24
N ALA B 101 0.18 -48.27 -2.34
CA ALA B 101 -1.29 -48.18 -2.29
C ALA B 101 -1.86 -49.48 -1.74
N ILE B 102 -1.41 -50.63 -2.25
CA ILE B 102 -1.92 -51.97 -1.84
C ILE B 102 -1.56 -52.19 -0.37
N THR B 103 -0.30 -51.94 -0.04
CA THR B 103 0.17 -52.09 1.36
C THR B 103 -0.83 -51.40 2.29
N GLY B 104 -1.14 -50.15 2.02
CA GLY B 104 -2.01 -49.40 2.92
C GLY B 104 -3.40 -49.97 2.98
N LEU B 105 -4.01 -50.22 1.84
CA LEU B 105 -5.41 -50.70 1.84
C LEU B 105 -5.45 -52.04 2.53
N ALA B 106 -4.29 -52.63 2.77
CA ALA B 106 -4.21 -53.94 3.45
C ALA B 106 -4.24 -53.72 4.96
N SER B 107 -3.74 -52.55 5.36
CA SER B 107 -3.61 -52.24 6.80
C SER B 107 -4.68 -51.22 7.16
N ALA B 108 -5.93 -51.58 6.87
CA ALA B 108 -7.07 -50.70 7.19
C ALA B 108 -8.01 -51.45 8.13
N PRO B 109 -8.66 -50.77 9.09
CA PRO B 109 -9.53 -51.42 10.03
C PRO B 109 -10.65 -52.08 9.23
N ILE B 110 -10.76 -51.74 7.95
CA ILE B 110 -11.92 -52.26 7.18
C ILE B 110 -11.96 -53.79 7.32
N PRO B 111 -13.17 -54.39 7.32
CA PRO B 111 -13.30 -55.83 7.37
C PRO B 111 -12.76 -56.47 6.08
N PRO B 112 -12.15 -57.67 6.15
CA PRO B 112 -11.62 -58.35 4.97
C PRO B 112 -12.44 -58.24 3.69
N GLU B 113 -13.74 -58.52 3.75
CA GLU B 113 -14.58 -58.53 2.52
C GLU B 113 -14.49 -57.18 1.82
N TYR B 114 -14.03 -56.13 2.50
CA TYR B 114 -14.02 -54.77 1.90
C TYR B 114 -12.66 -54.48 1.26
N LYS B 115 -11.56 -54.96 1.85
CA LYS B 115 -10.23 -54.79 1.24
C LYS B 115 -10.23 -55.47 -0.11
N PHE B 116 -11.15 -56.40 -0.32
CA PHE B 116 -11.24 -57.14 -1.61
C PHE B 116 -12.02 -56.31 -2.63
N GLN B 117 -12.58 -55.17 -2.20
CA GLN B 117 -13.26 -54.27 -3.16
C GLN B 117 -12.32 -53.10 -3.42
N ALA B 118 -11.67 -52.63 -2.36
CA ALA B 118 -10.75 -51.50 -2.49
C ALA B 118 -9.58 -51.88 -3.39
N ILE B 119 -8.89 -52.98 -3.06
CA ILE B 119 -7.67 -53.34 -3.82
C ILE B 119 -8.10 -53.75 -5.23
N GLY B 120 -9.26 -54.39 -5.35
CA GLY B 120 -9.71 -54.87 -6.66
C GLY B 120 -10.14 -53.72 -7.55
N SER B 121 -10.57 -52.61 -6.95
CA SER B 121 -11.05 -51.41 -7.70
C SER B 121 -9.86 -50.56 -8.13
N PHE B 122 -8.91 -50.35 -7.20
CA PHE B 122 -7.68 -49.58 -7.49
C PHE B 122 -6.95 -50.23 -8.66
N GLY B 123 -6.96 -51.56 -8.73
CA GLY B 123 -6.36 -52.31 -9.85
C GLY B 123 -7.10 -52.06 -11.15
N GLU B 124 -8.44 -52.02 -11.11
CA GLU B 124 -9.29 -51.69 -12.29
C GLU B 124 -8.97 -50.27 -12.73
N LEU B 125 -8.45 -49.46 -11.81
CA LEU B 125 -8.02 -48.09 -12.16
C LEU B 125 -6.60 -48.18 -12.70
N TRP B 126 -5.75 -49.03 -12.12
CA TRP B 126 -4.32 -49.12 -12.52
C TRP B 126 -4.18 -49.75 -13.90
N ASN B 127 -5.20 -50.47 -14.34
CA ASN B 127 -5.10 -51.20 -15.63
C ASN B 127 -5.98 -50.53 -16.67
N GLY B 128 -6.88 -49.65 -16.23
CA GLY B 128 -7.73 -48.91 -17.17
C GLY B 128 -7.26 -47.47 -17.22
N ALA B 129 -6.36 -47.12 -16.32
CA ALA B 129 -5.79 -45.77 -16.28
C ALA B 129 -4.51 -45.85 -15.45
N LEU B 130 -3.77 -44.76 -15.33
CA LEU B 130 -2.60 -44.75 -14.40
C LEU B 130 -1.51 -45.73 -14.80
N GLY B 131 -1.66 -46.47 -15.91
CA GLY B 131 -0.59 -47.45 -16.17
C GLY B 131 0.12 -47.08 -17.45
N ARG B 132 1.44 -47.00 -17.41
CA ARG B 132 2.19 -46.73 -18.64
C ARG B 132 1.54 -47.58 -19.72
N THR B 133 1.19 -48.82 -19.37
CA THR B 133 0.56 -49.74 -20.33
C THR B 133 -0.85 -49.23 -20.64
N ALA B 134 -1.55 -48.78 -19.61
CA ALA B 134 -2.95 -48.33 -19.78
C ALA B 134 -2.98 -47.04 -20.58
N LEU B 135 -1.99 -46.18 -20.35
CA LEU B 135 -1.88 -44.90 -21.09
C LEU B 135 -1.55 -45.19 -22.57
N ILE B 136 -0.55 -46.01 -22.82
CA ILE B 136 -0.09 -46.33 -24.21
C ILE B 136 -1.25 -46.93 -25.00
N GLU B 137 -2.02 -47.81 -24.35
CA GLU B 137 -3.27 -48.40 -24.90
C GLU B 137 -4.27 -47.28 -25.18
N ASP B 138 -4.58 -46.46 -24.17
CA ASP B 138 -5.54 -45.33 -24.26
C ASP B 138 -5.11 -44.42 -25.42
N PHE B 139 -3.84 -43.99 -25.41
CA PHE B 139 -3.22 -43.09 -26.41
C PHE B 139 -3.42 -43.68 -27.82
N THR B 140 -2.78 -44.82 -28.08
CA THR B 140 -2.86 -45.54 -29.38
C THR B 140 -4.32 -45.63 -29.84
N ARG B 141 -5.26 -45.97 -28.93
CA ARG B 141 -6.69 -46.21 -29.26
C ARG B 141 -7.37 -44.89 -29.66
N HIS B 142 -6.94 -43.77 -29.10
CA HIS B 142 -7.62 -42.45 -29.29
C HIS B 142 -6.91 -41.63 -30.38
N THR B 143 -5.59 -41.82 -30.56
CA THR B 143 -4.77 -41.05 -31.55
C THR B 143 -4.78 -41.78 -32.91
N GLY B 144 -4.46 -43.07 -32.91
CA GLY B 144 -4.27 -43.87 -34.14
C GLY B 144 -2.85 -44.40 -34.22
N TYR B 145 -1.90 -43.65 -33.67
CA TYR B 145 -0.46 -43.98 -33.70
C TYR B 145 -0.07 -44.69 -32.41
N ALA B 146 0.81 -45.70 -32.49
CA ALA B 146 1.17 -46.61 -31.38
C ALA B 146 2.28 -46.00 -30.54
N LEU B 147 1.89 -45.29 -29.48
CA LEU B 147 2.90 -44.57 -28.67
C LEU B 147 4.05 -45.50 -28.32
N PRO B 148 5.30 -45.14 -28.66
CA PRO B 148 6.45 -45.91 -28.22
C PRO B 148 6.62 -45.67 -26.73
N ASP B 149 6.74 -46.75 -25.95
CA ASP B 149 6.92 -46.63 -24.48
C ASP B 149 8.16 -45.79 -24.19
N GLU B 150 8.96 -45.50 -25.20
CA GLU B 150 10.24 -44.78 -24.96
C GLU B 150 9.99 -43.28 -25.00
N LYS B 151 9.07 -42.84 -25.85
CA LYS B 151 8.74 -41.39 -25.93
C LYS B 151 8.03 -40.92 -24.64
N LEU B 152 7.03 -41.66 -24.17
CA LEU B 152 6.22 -41.31 -22.96
C LEU B 152 7.14 -41.03 -21.77
N ILE B 153 7.12 -39.81 -21.24
CA ILE B 153 7.72 -39.46 -19.92
C ILE B 153 6.58 -39.01 -19.00
N THR B 154 6.26 -39.83 -17.99
CA THR B 154 5.25 -39.52 -16.95
C THR B 154 5.87 -38.56 -15.94
N VAL B 155 5.33 -37.36 -15.78
CA VAL B 155 5.93 -36.30 -14.92
C VAL B 155 5.18 -36.26 -13.60
N PRO B 156 5.90 -36.16 -12.45
CA PRO B 156 5.23 -35.90 -11.18
C PRO B 156 4.29 -34.71 -11.37
N HIS B 157 3.03 -34.84 -10.96
CA HIS B 157 2.00 -33.77 -11.08
C HIS B 157 2.60 -32.46 -10.58
N HIS B 158 2.93 -32.37 -9.29
CA HIS B 158 3.42 -31.12 -8.65
C HIS B 158 4.61 -30.54 -9.41
N ARG B 159 5.42 -31.39 -10.06
CA ARG B 159 6.61 -30.91 -10.83
C ARG B 159 6.15 -30.26 -12.13
N ALA B 160 5.11 -30.79 -12.76
CA ALA B 160 4.47 -30.15 -13.93
C ALA B 160 3.98 -28.76 -13.52
N HIS B 161 3.14 -28.68 -12.49
CA HIS B 161 2.69 -27.39 -11.93
C HIS B 161 3.88 -26.42 -11.89
N LEU B 162 4.92 -26.75 -11.10
CA LEU B 162 6.10 -25.86 -10.93
C LEU B 162 6.63 -25.45 -12.31
N ALA B 163 6.62 -26.36 -13.28
CA ALA B 163 7.13 -26.12 -14.65
C ALA B 163 6.26 -25.06 -15.35
N CYS B 164 4.94 -25.20 -15.29
CA CYS B 164 4.03 -24.15 -15.82
C CYS B 164 4.40 -22.83 -15.13
N GLY B 165 4.56 -22.86 -13.81
CA GLY B 165 4.89 -21.65 -13.04
C GLY B 165 6.13 -20.98 -13.59
N ARG B 166 7.19 -21.78 -13.82
CA ARG B 166 8.52 -21.25 -14.25
C ARG B 166 8.43 -20.77 -15.70
N THR B 167 7.54 -21.38 -16.49
CA THR B 167 7.41 -21.06 -17.93
C THR B 167 6.82 -19.67 -18.12
N PHE B 168 6.07 -19.18 -17.13
CA PHE B 168 5.27 -17.93 -17.23
C PHE B 168 5.73 -16.88 -16.21
N SER B 169 6.41 -17.27 -15.11
CA SER B 169 6.76 -16.37 -13.98
C SER B 169 7.55 -15.15 -14.46
N GLY B 170 8.47 -15.36 -15.41
CA GLY B 170 9.53 -14.42 -15.83
C GLY B 170 10.55 -14.17 -14.73
N LEU B 171 10.78 -15.16 -13.86
CA LEU B 171 11.79 -15.13 -12.75
C LEU B 171 13.03 -15.97 -13.11
N GLY B 172 14.06 -15.95 -12.28
CA GLY B 172 15.22 -16.86 -12.42
C GLY B 172 15.27 -17.90 -11.32
N ASP B 173 16.19 -17.71 -10.38
CA ASP B 173 16.27 -18.51 -9.14
C ASP B 173 15.11 -18.02 -8.26
N ALA B 174 14.35 -18.93 -7.66
CA ALA B 174 13.14 -18.56 -6.88
C ALA B 174 12.66 -19.71 -5.97
N ALA B 175 12.15 -19.35 -4.80
CA ALA B 175 11.37 -20.22 -3.89
C ALA B 175 10.18 -20.78 -4.66
N PHE B 176 9.56 -21.86 -4.19
CA PHE B 176 8.29 -22.36 -4.77
C PHE B 176 7.43 -23.02 -3.69
N LEU B 177 6.12 -23.09 -3.97
CA LEU B 177 5.10 -23.81 -3.16
C LEU B 177 4.05 -24.34 -4.13
N ILE B 178 3.79 -25.65 -4.10
CA ILE B 178 2.72 -26.30 -4.90
C ILE B 178 1.71 -26.93 -3.93
N ASN B 179 0.49 -26.38 -3.82
CA ASN B 179 -0.58 -26.92 -2.94
C ASN B 179 -1.76 -27.34 -3.80
N ASP B 180 -2.30 -28.53 -3.58
CA ASP B 180 -3.35 -29.14 -4.43
C ASP B 180 -3.90 -30.31 -3.64
N GLY B 181 -5.04 -30.87 -4.01
CA GLY B 181 -5.66 -31.93 -3.19
C GLY B 181 -5.25 -33.30 -3.69
N GLN B 182 -4.87 -33.40 -4.97
CA GLN B 182 -4.74 -34.71 -5.63
C GLN B 182 -3.36 -34.84 -6.24
N ALA B 183 -2.33 -35.04 -5.43
CA ALA B 183 -1.03 -35.46 -6.02
C ALA B 183 -1.04 -36.97 -6.18
N GLU B 184 0.14 -37.52 -6.46
CA GLU B 184 0.30 -38.98 -6.61
C GLU B 184 0.32 -39.55 -5.19
N ALA B 185 1.37 -39.24 -4.44
CA ALA B 185 1.56 -39.75 -3.07
C ALA B 185 1.61 -38.57 -2.09
N ASP B 186 1.60 -37.33 -2.58
CA ASP B 186 1.82 -36.13 -1.74
C ASP B 186 0.70 -35.10 -1.95
N SER B 187 0.75 -33.95 -1.29
CA SER B 187 -0.33 -32.94 -1.38
C SER B 187 0.26 -31.54 -1.57
N ALA B 188 1.27 -31.20 -0.79
CA ALA B 188 2.00 -29.93 -0.88
C ALA B 188 3.51 -30.20 -0.84
N ILE B 189 4.26 -29.59 -1.76
CA ILE B 189 5.75 -29.68 -1.76
C ILE B 189 6.28 -28.26 -1.84
N MET B 190 7.09 -27.85 -0.88
CA MET B 190 7.75 -26.52 -0.95
C MET B 190 9.23 -26.74 -1.32
N GLY B 191 9.87 -25.75 -1.93
CA GLY B 191 11.24 -25.92 -2.44
C GLY B 191 11.92 -24.65 -2.87
N GLU B 192 12.72 -24.72 -3.93
CA GLU B 192 13.40 -23.54 -4.50
C GLU B 192 13.97 -23.90 -5.87
N VAL B 193 14.23 -22.89 -6.69
CA VAL B 193 14.94 -23.03 -7.99
C VAL B 193 16.21 -22.18 -7.90
N ARG B 194 17.37 -22.79 -8.12
CA ARG B 194 18.69 -22.10 -8.02
C ARG B 194 19.60 -22.56 -9.16
N ASP B 195 20.26 -21.61 -9.84
CA ASP B 195 21.02 -21.81 -11.11
C ASP B 195 20.18 -22.62 -12.11
N GLY B 196 18.86 -22.53 -12.04
CA GLY B 196 17.94 -23.33 -12.87
C GLY B 196 17.86 -24.78 -12.42
N LYS B 197 18.10 -25.06 -11.14
CA LYS B 197 18.02 -26.42 -10.53
C LYS B 197 16.81 -26.50 -9.59
N VAL B 198 15.95 -27.49 -9.81
CA VAL B 198 14.83 -27.82 -8.88
C VAL B 198 15.34 -28.76 -7.78
N GLU B 199 15.33 -28.28 -6.54
CA GLU B 199 15.55 -29.08 -5.30
C GLU B 199 14.28 -28.97 -4.46
N VAL B 200 13.62 -30.11 -4.23
CA VAL B 200 12.34 -30.23 -3.47
C VAL B 200 12.68 -30.50 -2.01
N PHE B 201 12.62 -29.48 -1.14
CA PHE B 201 12.85 -29.66 0.32
C PHE B 201 11.82 -30.64 0.89
N GLU B 202 12.26 -31.88 1.22
CA GLU B 202 11.34 -32.99 1.56
C GLU B 202 10.90 -32.88 3.03
N ARG B 203 11.44 -31.93 3.80
CA ARG B 203 11.03 -31.71 5.21
C ARG B 203 9.61 -31.12 5.29
N PHE B 204 9.21 -30.29 4.31
CA PHE B 204 7.93 -29.52 4.31
C PHE B 204 6.81 -30.28 3.60
N THR B 205 7.18 -31.25 2.74
CA THR B 205 6.22 -32.07 1.93
C THR B 205 5.11 -32.60 2.86
N ILE B 206 3.89 -32.77 2.32
CA ILE B 206 2.66 -33.12 3.08
C ILE B 206 1.96 -34.28 2.35
N ASP B 207 1.37 -35.23 3.08
CA ASP B 207 0.85 -36.48 2.47
C ASP B 207 -0.53 -36.20 1.86
N ALA B 208 -0.97 -37.10 0.97
CA ALA B 208 -2.21 -36.96 0.15
C ALA B 208 -3.48 -37.11 1.00
N LYS B 209 -3.36 -37.44 2.29
CA LYS B 209 -4.51 -37.69 3.20
C LYS B 209 -4.65 -36.50 4.15
N ASN B 210 -3.82 -35.47 3.98
CA ASN B 210 -3.87 -34.23 4.79
C ASN B 210 -3.93 -33.04 3.84
N SER B 211 -4.66 -33.22 2.73
CA SER B 211 -4.85 -32.19 1.68
C SER B 211 -5.62 -30.98 2.24
N LEU B 212 -4.94 -29.84 2.36
CA LEU B 212 -5.55 -28.56 2.80
C LEU B 212 -6.60 -28.16 1.77
N ALA B 213 -6.23 -28.22 0.48
CA ALA B 213 -7.16 -28.09 -0.66
C ALA B 213 -8.41 -28.95 -0.43
N GLN B 214 -8.25 -30.27 -0.34
CA GLN B 214 -9.39 -31.21 -0.25
C GLN B 214 -10.26 -30.90 0.98
N LEU B 215 -9.75 -30.17 1.97
CA LEU B 215 -10.57 -29.69 3.09
C LEU B 215 -11.52 -28.61 2.57
N PHE B 216 -10.97 -27.61 1.89
CA PHE B 216 -11.71 -26.47 1.27
C PHE B 216 -12.72 -27.06 0.28
N ALA B 217 -12.32 -28.15 -0.41
CA ALA B 217 -13.18 -28.94 -1.33
C ALA B 217 -14.37 -29.53 -0.57
N ASN B 218 -14.15 -30.02 0.66
CA ASN B 218 -15.18 -30.69 1.52
C ASN B 218 -16.07 -29.63 2.19
N ILE B 219 -15.51 -28.46 2.50
CA ILE B 219 -16.28 -27.26 2.94
C ILE B 219 -17.19 -26.80 1.80
N THR B 220 -16.69 -26.85 0.56
CA THR B 220 -17.44 -26.36 -0.63
C THR B 220 -18.66 -27.27 -0.82
N ARG B 221 -18.51 -28.56 -0.56
CA ARG B 221 -19.60 -29.56 -0.74
C ARG B 221 -20.58 -29.47 0.43
N TYR B 222 -20.03 -29.26 1.62
CA TYR B 222 -20.76 -29.14 2.91
C TYR B 222 -21.84 -28.05 2.79
N LEU B 223 -21.54 -26.94 2.11
CA LEU B 223 -22.47 -25.80 1.91
C LEU B 223 -23.30 -26.00 0.63
N GLY B 224 -23.35 -27.24 0.12
CA GLY B 224 -24.24 -27.62 -0.99
C GLY B 224 -23.76 -27.22 -2.37
N PHE B 225 -22.49 -26.84 -2.55
CA PHE B 225 -21.87 -26.54 -3.88
C PHE B 225 -21.10 -27.76 -4.41
N THR B 226 -20.64 -27.66 -5.66
CA THR B 226 -19.89 -28.75 -6.32
C THR B 226 -18.42 -28.62 -5.96
N PRO B 227 -17.84 -29.59 -5.24
CA PRO B 227 -16.47 -29.50 -4.83
C PRO B 227 -15.48 -29.63 -5.98
N ASN B 228 -14.34 -28.95 -5.86
CA ASN B 228 -13.26 -29.03 -6.88
C ASN B 228 -13.58 -28.07 -8.01
N ASN B 229 -14.81 -27.57 -8.10
CA ASN B 229 -15.17 -26.52 -9.08
C ASN B 229 -15.71 -25.29 -8.35
N ASP B 230 -16.83 -25.41 -7.65
CA ASP B 230 -17.51 -24.22 -7.06
C ASP B 230 -16.95 -23.83 -5.70
N GLU B 231 -15.66 -23.54 -5.60
CA GLU B 231 -15.06 -23.08 -4.33
C GLU B 231 -15.09 -21.56 -4.33
N TYR B 232 -15.12 -20.98 -5.52
CA TYR B 232 -15.13 -19.52 -5.66
C TYR B 232 -16.36 -18.98 -4.94
N LYS B 233 -17.28 -19.88 -4.60
CA LYS B 233 -18.51 -19.30 -4.01
C LYS B 233 -18.25 -19.14 -2.52
N VAL B 234 -17.30 -19.92 -1.99
CA VAL B 234 -16.94 -19.87 -0.54
C VAL B 234 -16.05 -18.63 -0.32
N MET B 235 -15.09 -18.41 -1.21
CA MET B 235 -14.18 -17.24 -1.11
C MET B 235 -15.00 -15.98 -1.33
N GLY B 236 -16.11 -16.11 -2.06
CA GLY B 236 -17.08 -15.03 -2.27
C GLY B 236 -17.85 -14.73 -0.98
N LEU B 237 -18.44 -15.79 -0.41
CA LEU B 237 -19.16 -15.72 0.89
C LEU B 237 -18.20 -15.17 1.95
N ALA B 238 -17.01 -15.74 2.06
CA ALA B 238 -15.96 -15.25 2.98
C ALA B 238 -15.98 -13.71 2.99
N GLY B 239 -16.19 -13.09 1.84
CA GLY B 239 -16.06 -11.63 1.64
C GLY B 239 -17.20 -10.82 2.24
N PHE B 240 -18.40 -11.41 2.34
CA PHE B 240 -19.58 -10.74 2.93
C PHE B 240 -19.44 -10.67 4.45
N GLY B 241 -18.49 -11.44 4.99
CA GLY B 241 -18.40 -11.70 6.45
C GLY B 241 -17.06 -11.29 7.04
N LYS B 242 -17.07 -11.14 8.37
CA LYS B 242 -15.92 -10.76 9.23
C LYS B 242 -15.19 -12.05 9.66
N ALA B 243 -13.86 -12.06 9.56
CA ALA B 243 -13.01 -13.17 10.04
C ALA B 243 -13.24 -13.35 11.55
N PRO B 244 -13.21 -14.60 12.08
CA PRO B 244 -13.15 -14.79 13.53
C PRO B 244 -11.75 -14.41 14.03
N ASP B 245 -11.44 -14.65 15.31
CA ASP B 245 -10.04 -14.73 15.81
C ASP B 245 -9.62 -16.21 15.77
N GLU B 246 -8.40 -16.47 15.30
CA GLU B 246 -7.94 -17.83 14.90
C GLU B 246 -8.17 -18.83 16.06
N GLN B 247 -8.15 -18.36 17.31
CA GLN B 247 -8.43 -19.17 18.52
C GLN B 247 -9.91 -19.57 18.55
N ASP B 248 -10.80 -18.81 17.91
CA ASP B 248 -12.25 -19.12 17.80
C ASP B 248 -12.60 -19.78 16.47
N ASN B 249 -11.58 -20.25 15.73
CA ASN B 249 -11.72 -20.84 14.38
C ASN B 249 -11.87 -22.35 14.49
N PRO B 250 -13.11 -22.88 14.60
CA PRO B 250 -13.33 -24.32 14.77
C PRO B 250 -12.47 -25.23 13.90
N LEU B 251 -12.09 -24.76 12.70
CA LEU B 251 -11.26 -25.50 11.72
C LEU B 251 -9.76 -25.44 12.09
N LEU B 252 -9.33 -24.39 12.78
CA LEU B 252 -7.88 -24.24 13.09
C LEU B 252 -7.65 -24.74 14.52
N THR B 253 -8.73 -25.01 15.25
CA THR B 253 -8.62 -25.46 16.65
C THR B 253 -8.90 -26.95 16.74
N LYS B 254 -10.02 -27.42 16.19
CA LYS B 254 -10.39 -28.85 16.39
C LYS B 254 -10.25 -29.67 15.11
N VAL B 255 -9.64 -29.12 14.06
CA VAL B 255 -9.56 -29.86 12.77
C VAL B 255 -8.13 -29.76 12.20
N VAL B 256 -7.51 -28.60 12.29
CA VAL B 256 -6.17 -28.41 11.64
C VAL B 256 -5.14 -28.08 12.72
N THR B 257 -4.20 -29.01 12.93
CA THR B 257 -3.05 -28.85 13.85
C THR B 257 -1.88 -28.29 13.03
N LEU B 258 -1.36 -27.15 13.45
CA LEU B 258 -0.15 -26.51 12.86
C LEU B 258 1.09 -27.03 13.59
N GLU B 259 1.67 -28.12 13.08
CA GLU B 259 2.98 -28.67 13.52
C GLU B 259 4.07 -27.66 13.12
N GLU B 260 5.25 -27.69 13.73
CA GLU B 260 6.38 -26.78 13.36
C GLU B 260 7.09 -27.38 12.13
N GLY B 261 8.10 -26.66 11.62
CA GLY B 261 8.77 -26.94 10.33
C GLY B 261 7.87 -26.61 9.15
N GLY B 262 6.96 -25.64 9.33
CA GLY B 262 5.94 -25.23 8.34
C GLY B 262 5.09 -26.41 7.87
N ARG B 263 4.64 -27.26 8.80
CA ARG B 263 3.87 -28.49 8.47
C ARG B 263 2.54 -28.43 9.21
N TYR B 264 1.66 -29.40 8.93
CA TYR B 264 0.28 -29.41 9.46
C TYR B 264 -0.34 -30.79 9.29
N SER B 265 -1.29 -31.12 10.16
CA SER B 265 -2.04 -32.40 10.16
C SER B 265 -3.53 -32.09 10.31
N LEU B 266 -4.36 -32.97 9.74
CA LEU B 266 -5.83 -32.86 9.73
C LEU B 266 -6.39 -33.99 10.59
N ALA B 267 -7.07 -33.66 11.70
CA ALA B 267 -7.91 -34.65 12.40
C ALA B 267 -8.86 -35.26 11.38
N LEU B 268 -9.33 -36.48 11.58
CA LEU B 268 -10.20 -37.22 10.61
C LEU B 268 -9.43 -37.53 9.32
N ALA B 269 -8.09 -37.50 9.36
CA ALA B 269 -7.23 -37.71 8.16
C ALA B 269 -7.15 -39.19 7.76
N ASN B 270 -7.59 -40.11 8.64
CA ASN B 270 -7.42 -41.58 8.46
C ASN B 270 -8.77 -42.31 8.35
N ASP B 271 -9.82 -41.78 8.99
CA ASP B 271 -11.16 -42.43 9.05
C ASP B 271 -11.44 -43.11 7.71
N PRO B 272 -11.72 -44.44 7.69
CA PRO B 272 -12.07 -45.12 6.45
C PRO B 272 -13.39 -44.64 5.87
N ARG B 273 -14.20 -43.91 6.65
CA ARG B 273 -15.55 -43.49 6.21
C ARG B 273 -15.41 -42.64 4.95
N GLY B 274 -14.19 -42.20 4.64
CA GLY B 274 -13.89 -41.38 3.45
C GLY B 274 -13.65 -39.94 3.86
N PRO B 275 -13.57 -38.99 2.91
CA PRO B 275 -13.48 -37.58 3.28
C PRO B 275 -14.81 -37.15 3.92
N ARG B 276 -15.90 -37.93 3.82
CA ARG B 276 -17.25 -37.48 4.30
C ARG B 276 -17.35 -37.54 5.82
N ALA B 277 -16.34 -38.05 6.49
CA ALA B 277 -16.28 -37.97 7.96
C ALA B 277 -16.24 -36.51 8.37
N TYR B 278 -15.43 -35.69 7.68
CA TYR B 278 -15.25 -34.26 8.01
C TYR B 278 -16.63 -33.60 8.07
N ASP B 279 -17.54 -34.06 7.20
CA ASP B 279 -18.92 -33.52 7.06
C ASP B 279 -19.73 -33.74 8.33
N PRO B 280 -20.08 -34.99 8.70
CA PRO B 280 -20.62 -35.16 10.03
C PRO B 280 -19.95 -34.29 11.11
N LEU B 281 -18.62 -34.15 11.08
CA LEU B 281 -17.87 -33.43 12.14
C LEU B 281 -18.09 -31.92 12.03
N PHE B 282 -18.24 -31.38 10.82
CA PHE B 282 -18.49 -29.93 10.61
C PHE B 282 -19.88 -29.60 11.13
N ASP B 283 -20.87 -30.43 10.76
CA ASP B 283 -22.23 -30.30 11.35
C ASP B 283 -22.05 -30.16 12.87
N GLU B 284 -21.11 -30.92 13.44
CA GLU B 284 -20.76 -30.84 14.88
C GLU B 284 -20.20 -29.44 15.22
N LEU B 285 -19.09 -29.04 14.61
CA LEU B 285 -18.38 -27.79 14.99
C LEU B 285 -19.12 -26.50 14.65
N PHE B 286 -20.01 -26.51 13.66
CA PHE B 286 -20.61 -25.22 13.23
C PHE B 286 -22.09 -25.12 13.58
N ASP B 287 -22.59 -25.96 14.47
CA ASP B 287 -24.04 -25.93 14.79
C ASP B 287 -24.81 -26.07 13.48
N GLY B 288 -24.58 -27.17 12.76
CA GLY B 288 -25.25 -27.40 11.46
C GLY B 288 -26.46 -28.29 11.57
N ASN B 289 -27.27 -28.33 10.52
CA ASN B 289 -28.52 -29.14 10.49
C ASN B 289 -29.06 -29.04 9.06
N ASP B 290 -29.91 -29.95 8.66
CA ASP B 290 -30.36 -29.96 7.24
C ASP B 290 -31.20 -28.72 6.98
N ASP B 291 -31.64 -28.04 8.04
CA ASP B 291 -32.58 -26.89 7.86
C ASP B 291 -31.80 -25.58 7.86
N ASN B 292 -30.47 -25.64 7.91
CA ASN B 292 -29.63 -24.42 7.98
C ASN B 292 -28.30 -24.56 7.22
N ARG B 293 -27.88 -25.78 6.81
CA ARG B 293 -26.50 -25.97 6.27
C ARG B 293 -26.26 -24.99 5.12
N GLN B 294 -27.31 -24.63 4.36
CA GLN B 294 -27.21 -23.81 3.13
C GLN B 294 -27.92 -22.47 3.28
N GLU B 295 -27.88 -21.83 4.45
CA GLU B 295 -28.48 -20.47 4.67
C GLU B 295 -27.38 -19.41 4.62
N PHE B 296 -27.68 -18.25 4.04
CA PHE B 296 -26.65 -17.22 3.71
C PHE B 296 -25.72 -17.02 4.91
N ASP B 297 -26.25 -16.53 6.04
CA ASP B 297 -25.44 -16.08 7.20
C ASP B 297 -24.63 -17.24 7.77
N PHE B 298 -25.17 -18.46 7.73
CA PHE B 298 -24.48 -19.71 8.16
C PHE B 298 -23.24 -19.91 7.27
N ARG B 299 -23.46 -20.00 5.95
CA ARG B 299 -22.40 -20.20 4.94
C ARG B 299 -21.29 -19.17 5.13
N VAL B 300 -21.65 -17.88 5.22
CA VAL B 300 -20.68 -16.76 5.40
C VAL B 300 -19.74 -17.09 6.57
N ARG B 301 -20.28 -17.66 7.65
CA ARG B 301 -19.50 -17.98 8.88
C ARG B 301 -18.49 -19.10 8.59
N VAL B 302 -18.97 -20.28 8.18
CA VAL B 302 -18.12 -21.40 7.65
C VAL B 302 -17.10 -20.80 6.69
N ALA B 303 -17.57 -20.12 5.63
CA ALA B 303 -16.75 -19.48 4.58
C ALA B 303 -15.63 -18.65 5.20
N CYS B 304 -15.99 -17.72 6.10
CA CYS B 304 -15.00 -16.80 6.74
C CYS B 304 -13.93 -17.61 7.45
N ALA B 305 -14.34 -18.68 8.14
CA ALA B 305 -13.46 -19.60 8.88
C ALA B 305 -12.56 -20.37 7.88
N ALA B 306 -13.17 -21.09 6.94
CA ALA B 306 -12.51 -21.80 5.83
C ALA B 306 -11.54 -20.88 5.09
N GLN B 307 -11.93 -19.64 4.81
CA GLN B 307 -11.03 -18.71 4.08
C GLN B 307 -9.79 -18.46 4.96
N GLN B 308 -9.98 -18.31 6.27
CA GLN B 308 -8.88 -18.02 7.25
C GLN B 308 -7.91 -19.21 7.34
N VAL B 309 -8.45 -20.43 7.38
CA VAL B 309 -7.62 -21.68 7.42
C VAL B 309 -6.64 -21.63 6.26
N ILE B 310 -7.13 -21.29 5.07
CA ILE B 310 -6.34 -21.27 3.80
C ILE B 310 -5.27 -20.18 3.92
N GLU B 311 -5.62 -19.04 4.54
CA GLU B 311 -4.75 -17.85 4.60
C GLU B 311 -3.56 -18.15 5.53
N ALA B 312 -3.84 -18.79 6.68
CA ALA B 312 -2.88 -19.04 7.80
C ALA B 312 -2.01 -20.26 7.49
N VAL B 313 -2.62 -21.38 7.08
CA VAL B 313 -1.85 -22.62 6.77
C VAL B 313 -0.76 -22.25 5.75
N THR B 314 -1.14 -21.65 4.62
CA THR B 314 -0.18 -21.20 3.57
C THR B 314 0.81 -20.19 4.18
N ALA B 315 0.34 -19.24 5.01
CA ALA B 315 1.20 -18.21 5.65
C ALA B 315 2.26 -18.93 6.49
N HIS B 316 1.85 -20.01 7.16
CA HIS B 316 2.72 -20.89 7.98
C HIS B 316 3.76 -21.55 7.06
N GLN B 317 3.27 -22.32 6.08
CA GLN B 317 4.09 -23.01 5.06
C GLN B 317 5.23 -22.09 4.61
N LEU B 318 4.97 -20.79 4.45
CA LEU B 318 5.89 -19.86 3.73
C LEU B 318 6.81 -19.15 4.72
N ARG B 319 6.27 -18.67 5.85
CA ARG B 319 7.16 -18.08 6.91
C ARG B 319 8.33 -19.07 7.12
N ALA B 320 8.05 -20.38 6.98
CA ALA B 320 9.02 -21.49 7.09
C ALA B 320 10.02 -21.50 5.91
N LEU B 321 9.55 -21.36 4.66
CA LEU B 321 10.42 -21.34 3.45
C LEU B 321 11.32 -20.09 3.49
N ALA B 322 10.82 -19.00 4.08
CA ALA B 322 11.56 -17.73 4.29
C ALA B 322 12.89 -18.02 5.00
N GLU B 323 12.90 -18.92 5.99
CA GLU B 323 14.10 -19.37 6.74
C GLU B 323 14.84 -20.44 5.92
N ALA B 324 14.10 -21.32 5.26
CA ALA B 324 14.62 -22.43 4.43
C ALA B 324 15.31 -21.91 3.15
N THR B 325 15.09 -20.65 2.75
CA THR B 325 15.89 -20.03 1.66
C THR B 325 15.91 -18.50 1.82
N GLU B 326 17.02 -17.87 1.42
CA GLU B 326 17.22 -16.39 1.41
C GLU B 326 16.49 -15.77 0.22
N LEU B 327 16.05 -16.61 -0.74
CA LEU B 327 15.38 -16.19 -2.00
C LEU B 327 14.03 -15.54 -1.65
N ARG B 328 13.71 -14.38 -2.25
CA ARG B 328 12.48 -13.59 -1.94
C ARG B 328 11.65 -13.40 -3.22
N ASP B 329 11.80 -14.33 -4.17
CA ASP B 329 10.94 -14.49 -5.36
C ASP B 329 10.29 -15.87 -5.28
N LEU B 330 8.96 -15.95 -5.34
CA LEU B 330 8.18 -17.18 -5.06
C LEU B 330 7.33 -17.55 -6.28
N ILE B 331 7.27 -18.82 -6.62
CA ILE B 331 6.33 -19.36 -7.63
C ILE B 331 5.29 -20.21 -6.90
N PHE B 332 4.07 -19.66 -6.69
CA PHE B 332 2.91 -20.39 -6.13
C PHE B 332 2.09 -20.98 -7.28
N GLU B 333 1.83 -22.29 -7.23
CA GLU B 333 1.03 -23.01 -8.25
C GLU B 333 0.26 -24.13 -7.53
N GLY B 334 -0.77 -24.69 -8.18
CA GLY B 334 -1.67 -25.68 -7.55
C GLY B 334 -3.04 -25.10 -7.24
N GLY B 335 -4.02 -25.97 -6.99
CA GLY B 335 -5.43 -25.59 -6.81
C GLY B 335 -5.62 -24.43 -5.85
N LEU B 336 -4.87 -24.37 -4.75
CA LEU B 336 -5.11 -23.34 -3.71
C LEU B 336 -4.61 -21.98 -4.24
N ALA B 337 -3.84 -22.02 -5.32
CA ALA B 337 -3.37 -20.79 -6.02
C ALA B 337 -4.53 -20.13 -6.75
N LEU B 338 -5.66 -20.84 -6.92
CA LEU B 338 -6.90 -20.27 -7.52
C LEU B 338 -7.56 -19.30 -6.54
N ASN B 339 -7.18 -19.33 -5.27
CA ASN B 339 -7.78 -18.49 -4.19
C ASN B 339 -7.22 -17.07 -4.24
N CYS B 340 -7.46 -16.34 -5.33
CA CYS B 340 -6.82 -15.03 -5.65
C CYS B 340 -6.88 -14.07 -4.44
N VAL B 341 -7.92 -14.15 -3.58
CA VAL B 341 -8.05 -13.26 -2.38
C VAL B 341 -6.87 -13.49 -1.43
N ASN B 342 -6.52 -14.75 -1.23
CA ASN B 342 -5.32 -15.15 -0.45
C ASN B 342 -4.08 -14.59 -1.16
N ASN B 343 -3.78 -15.03 -2.40
CA ASN B 343 -2.46 -14.79 -3.08
C ASN B 343 -2.00 -13.35 -2.88
N THR B 344 -2.94 -12.39 -2.81
CA THR B 344 -2.59 -10.95 -2.65
C THR B 344 -2.27 -10.63 -1.18
N LYS B 345 -2.58 -11.52 -0.24
CA LYS B 345 -2.16 -11.41 1.19
C LYS B 345 -0.77 -12.01 1.38
N LEU B 346 -0.52 -13.18 0.79
CA LEU B 346 0.80 -13.86 0.84
C LEU B 346 1.86 -12.92 0.26
N LEU B 347 1.46 -11.99 -0.60
CA LEU B 347 2.42 -11.02 -1.18
C LEU B 347 2.65 -9.88 -0.19
N GLU B 348 1.58 -9.28 0.36
CA GLU B 348 1.66 -7.98 1.07
C GLU B 348 1.96 -8.17 2.56
N GLU B 349 1.91 -9.40 3.07
CA GLU B 349 1.94 -9.72 4.54
C GLU B 349 3.10 -10.67 4.87
N LEU B 350 3.58 -11.45 3.89
CA LEU B 350 4.74 -12.36 4.03
C LEU B 350 6.00 -11.77 3.40
N PRO B 351 7.18 -12.39 3.61
CA PRO B 351 8.45 -11.72 3.27
C PRO B 351 8.86 -11.79 1.80
N PHE B 352 8.25 -12.65 0.97
CA PHE B 352 8.54 -12.73 -0.49
C PHE B 352 8.03 -11.45 -1.17
N THR B 353 8.93 -10.71 -1.82
CA THR B 353 8.70 -9.38 -2.45
C THR B 353 8.02 -9.51 -3.81
N ARG B 354 8.02 -10.74 -4.36
CA ARG B 354 7.35 -11.09 -5.64
C ARG B 354 6.72 -12.47 -5.46
N VAL B 355 5.42 -12.59 -5.72
CA VAL B 355 4.67 -13.88 -5.78
C VAL B 355 4.05 -13.95 -7.17
N GLU B 356 4.33 -15.00 -7.96
CA GLU B 356 3.85 -15.10 -9.37
C GLU B 356 3.03 -16.38 -9.56
N VAL B 357 1.71 -16.24 -9.47
CA VAL B 357 0.73 -17.28 -9.91
C VAL B 357 0.45 -17.06 -11.39
N SER B 358 0.11 -18.12 -12.12
CA SER B 358 -0.14 -18.16 -13.57
C SER B 358 -1.57 -18.65 -13.83
N PHE B 359 -2.04 -18.52 -15.07
CA PHE B 359 -3.37 -18.99 -15.53
C PHE B 359 -3.47 -20.52 -15.44
N GLY B 360 -2.32 -21.21 -15.52
CA GLY B 360 -2.25 -22.68 -15.37
C GLY B 360 -1.82 -23.10 -13.97
N ALA B 361 -2.42 -22.51 -12.95
CA ALA B 361 -2.14 -22.82 -11.53
C ALA B 361 -2.91 -24.07 -11.16
N SER B 362 -4.13 -24.19 -11.68
CA SER B 362 -4.97 -25.41 -11.57
C SER B 362 -4.44 -26.50 -12.53
N ASP B 363 -5.13 -27.63 -12.62
CA ASP B 363 -4.62 -28.81 -13.39
C ASP B 363 -4.51 -28.49 -14.87
N PRO B 364 -5.24 -27.51 -15.47
CA PRO B 364 -5.01 -27.16 -16.87
C PRO B 364 -3.50 -26.96 -17.12
N GLY B 365 -2.80 -26.37 -16.16
CA GLY B 365 -1.35 -26.09 -16.21
C GLY B 365 -0.51 -27.34 -16.49
N VAL B 366 -0.85 -28.46 -15.85
CA VAL B 366 -0.02 -29.71 -15.84
C VAL B 366 0.25 -30.14 -17.29
N SER B 367 -0.77 -30.07 -18.15
CA SER B 367 -0.71 -30.52 -19.56
C SER B 367 0.26 -29.62 -20.36
N ILE B 368 0.78 -28.54 -19.75
CA ILE B 368 1.76 -27.59 -20.36
C ILE B 368 3.10 -27.76 -19.64
N GLY B 369 3.09 -27.60 -18.32
CA GLY B 369 4.24 -27.81 -17.42
C GLY B 369 4.83 -29.21 -17.54
N ALA B 370 4.02 -30.22 -17.86
CA ALA B 370 4.48 -31.58 -18.24
C ALA B 370 5.63 -31.43 -19.24
N ALA B 371 5.30 -30.90 -20.42
CA ALA B 371 6.24 -30.62 -21.52
C ALA B 371 7.46 -29.85 -20.99
N ALA B 372 7.23 -28.73 -20.30
CA ALA B 372 8.30 -27.80 -19.84
C ALA B 372 9.24 -28.50 -18.87
N HIS B 373 8.77 -29.48 -18.09
CA HIS B 373 9.62 -30.33 -17.21
C HIS B 373 10.58 -31.11 -18.12
N VAL B 374 10.01 -31.89 -19.04
CA VAL B 374 10.73 -32.66 -20.09
C VAL B 374 11.69 -31.74 -20.83
N ALA B 375 11.17 -30.62 -21.36
CA ALA B 375 11.89 -29.59 -22.15
C ALA B 375 13.22 -29.24 -21.48
N ARG B 376 13.19 -28.80 -20.22
CA ARG B 376 14.39 -28.26 -19.49
C ARG B 376 15.43 -29.35 -19.23
N GLU B 377 14.99 -30.55 -18.82
CA GLU B 377 15.89 -31.71 -18.56
C GLU B 377 16.38 -32.31 -19.90
N LYS B 378 15.78 -31.88 -21.03
CA LYS B 378 16.25 -32.24 -22.40
C LYS B 378 17.07 -31.09 -23.01
N SER B 379 17.57 -30.16 -22.18
CA SER B 379 18.55 -29.09 -22.54
C SER B 379 17.93 -28.01 -23.46
N VAL B 380 16.68 -28.20 -23.88
CA VAL B 380 15.92 -27.23 -24.72
C VAL B 380 15.74 -25.93 -23.92
N ALA B 381 16.46 -24.86 -24.29
CA ALA B 381 16.39 -23.51 -23.66
C ALA B 381 15.04 -22.88 -23.98
N LEU B 382 14.23 -22.60 -22.94
CA LEU B 382 12.82 -22.15 -23.09
C LEU B 382 12.74 -20.65 -23.42
N THR B 383 12.13 -20.32 -24.56
CA THR B 383 11.80 -18.94 -24.99
C THR B 383 10.82 -18.35 -23.98
N PRO B 384 11.18 -17.28 -23.22
CA PRO B 384 10.27 -16.68 -22.25
C PRO B 384 8.96 -16.24 -22.91
N THR B 385 7.85 -16.49 -22.24
CA THR B 385 6.48 -16.22 -22.76
C THR B 385 5.58 -15.82 -21.59
N GLU B 386 4.65 -14.90 -21.86
CA GLU B 386 3.67 -14.34 -20.89
C GLU B 386 2.25 -14.60 -21.41
N SER B 387 2.11 -15.15 -22.61
CA SER B 387 0.82 -15.16 -23.36
C SER B 387 -0.04 -16.37 -22.99
N PRO B 388 -1.31 -16.13 -22.56
CA PRO B 388 -2.30 -17.18 -22.35
C PRO B 388 -3.11 -17.54 -23.61
N TYR B 389 -2.87 -16.80 -24.70
CA TYR B 389 -3.71 -16.87 -25.92
C TYR B 389 -3.16 -17.96 -26.84
N LEU B 390 -3.26 -19.23 -26.43
CA LEU B 390 -2.49 -20.34 -27.05
C LEU B 390 -3.36 -21.22 -27.95
N GLY B 391 -4.68 -20.99 -27.98
CA GLY B 391 -5.68 -21.94 -28.49
C GLY B 391 -6.20 -21.59 -29.88
N PRO B 392 -7.27 -22.26 -30.37
CA PRO B 392 -7.78 -22.04 -31.72
C PRO B 392 -8.14 -20.57 -32.02
N GLU B 393 -7.83 -20.17 -33.25
CA GLU B 393 -8.01 -18.82 -33.87
C GLU B 393 -9.01 -18.96 -35.00
N PHE B 394 -9.74 -17.90 -35.39
CA PHE B 394 -10.72 -18.00 -36.50
C PHE B 394 -10.55 -16.81 -37.45
N GLY B 395 -10.49 -17.13 -38.76
CA GLY B 395 -10.40 -16.19 -39.88
C GLY B 395 -11.77 -15.71 -40.30
N GLU B 396 -11.81 -14.83 -41.30
CA GLU B 396 -13.05 -14.10 -41.64
C GLU B 396 -14.07 -15.03 -42.29
N ASP B 397 -13.62 -15.93 -43.17
CA ASP B 397 -14.52 -16.75 -44.01
C ASP B 397 -15.21 -17.79 -43.13
N GLU B 398 -14.49 -18.32 -42.13
CA GLU B 398 -15.05 -19.23 -41.08
C GLU B 398 -16.16 -18.49 -40.32
N ILE B 399 -15.88 -17.27 -39.84
CA ILE B 399 -16.89 -16.43 -39.13
C ILE B 399 -18.03 -16.14 -40.11
N ARG B 400 -17.73 -15.66 -41.33
CA ARG B 400 -18.76 -15.36 -42.37
C ARG B 400 -19.55 -16.63 -42.70
N ALA B 401 -18.89 -17.81 -42.75
CA ALA B 401 -19.54 -19.14 -42.93
C ALA B 401 -20.50 -19.38 -41.77
N THR B 402 -19.95 -19.46 -40.55
CA THR B 402 -20.69 -19.77 -39.30
C THR B 402 -21.87 -18.82 -39.16
N LEU B 403 -21.74 -17.56 -39.59
CA LEU B 403 -22.78 -16.52 -39.46
C LEU B 403 -23.82 -16.71 -40.56
N GLU B 404 -23.38 -17.17 -41.74
CA GLU B 404 -24.26 -17.39 -42.92
C GLU B 404 -25.25 -18.51 -42.57
N GLU B 405 -24.84 -19.45 -41.70
CA GLU B 405 -25.75 -20.51 -41.22
C GLU B 405 -26.91 -19.88 -40.43
N TYR B 406 -26.66 -18.88 -39.59
CA TYR B 406 -27.69 -18.33 -38.67
C TYR B 406 -28.38 -17.10 -39.27
N THR B 407 -28.33 -16.93 -40.60
CA THR B 407 -28.97 -15.78 -41.29
C THR B 407 -30.39 -15.57 -40.76
N SER B 408 -31.03 -16.65 -40.31
CA SER B 408 -32.45 -16.69 -39.89
C SER B 408 -32.66 -16.10 -38.48
N SER B 409 -31.56 -15.86 -37.74
CA SER B 409 -31.58 -15.41 -36.33
C SER B 409 -30.81 -14.08 -36.13
N VAL B 410 -29.82 -13.76 -36.98
CA VAL B 410 -28.87 -12.61 -36.77
C VAL B 410 -28.62 -11.83 -38.06
N THR B 411 -28.21 -10.56 -37.91
CA THR B 411 -27.71 -9.64 -38.98
C THR B 411 -26.33 -9.08 -38.58
N TRP B 412 -25.36 -9.03 -39.51
CA TRP B 412 -23.93 -8.73 -39.21
C TRP B 412 -23.32 -7.76 -40.22
N GLU B 413 -22.78 -6.62 -39.75
CA GLU B 413 -21.94 -5.70 -40.57
C GLU B 413 -20.46 -6.00 -40.31
N GLN B 414 -19.70 -6.32 -41.36
CA GLN B 414 -18.22 -6.51 -41.28
C GLN B 414 -17.54 -5.14 -41.43
N LEU B 415 -16.60 -4.85 -40.55
CA LEU B 415 -16.02 -3.49 -40.39
C LEU B 415 -14.51 -3.56 -40.56
N PRO B 416 -13.83 -2.40 -40.72
CA PRO B 416 -12.40 -2.33 -40.45
C PRO B 416 -12.18 -2.40 -38.94
N SER B 417 -11.00 -2.85 -38.49
CA SER B 417 -10.71 -3.09 -37.05
C SER B 417 -10.89 -1.84 -36.19
N ASP B 418 -10.55 -0.69 -36.75
CA ASP B 418 -10.65 0.59 -35.99
C ASP B 418 -12.11 0.90 -35.72
N GLU B 419 -13.03 0.41 -36.54
CA GLU B 419 -14.46 0.78 -36.40
C GLU B 419 -15.19 -0.27 -35.55
N VAL B 420 -14.66 -1.49 -35.46
CA VAL B 420 -15.24 -2.51 -34.55
C VAL B 420 -15.01 -1.97 -33.15
N VAL B 421 -13.78 -1.58 -32.87
CA VAL B 421 -13.46 -0.90 -31.58
C VAL B 421 -14.51 0.20 -31.34
N GLY B 422 -14.55 1.21 -32.22
CA GLY B 422 -15.38 2.42 -32.07
C GLY B 422 -16.84 2.13 -31.81
N LYS B 423 -17.45 1.25 -32.62
CA LYS B 423 -18.90 0.92 -32.54
C LYS B 423 -19.15 0.21 -31.20
N THR B 424 -18.36 -0.83 -30.92
CA THR B 424 -18.42 -1.61 -29.64
C THR B 424 -18.35 -0.65 -28.45
N ALA B 425 -17.36 0.24 -28.41
CA ALA B 425 -17.23 1.28 -27.36
C ALA B 425 -18.55 2.05 -27.24
N GLU B 426 -19.08 2.58 -28.34
CA GLU B 426 -20.32 3.41 -28.31
C GLU B 426 -21.47 2.57 -27.77
N LEU B 427 -21.50 1.28 -28.08
CA LEU B 427 -22.54 0.38 -27.54
C LEU B 427 -22.29 0.24 -26.04
N LEU B 428 -21.02 0.08 -25.63
CA LEU B 428 -20.66 -0.11 -24.20
C LEU B 428 -20.89 1.19 -23.46
N THR B 429 -21.09 2.28 -24.18
CA THR B 429 -21.36 3.60 -23.56
C THR B 429 -22.69 3.49 -22.82
N GLY B 430 -23.70 2.93 -23.47
CA GLY B 430 -24.96 2.53 -22.84
C GLY B 430 -24.80 1.16 -22.22
N LYS B 431 -25.76 0.74 -21.41
CA LYS B 431 -25.68 -0.59 -20.79
C LYS B 431 -26.05 -1.65 -21.83
N THR B 432 -25.05 -2.06 -22.59
CA THR B 432 -25.16 -3.26 -23.43
C THR B 432 -24.31 -4.33 -22.73
N VAL B 433 -24.76 -5.59 -22.79
CA VAL B 433 -23.93 -6.79 -22.48
C VAL B 433 -23.49 -7.37 -23.83
N ILE B 434 -22.17 -7.44 -24.07
CA ILE B 434 -21.56 -7.68 -25.41
C ILE B 434 -20.56 -8.86 -25.36
N GLY B 435 -20.76 -9.87 -26.20
CA GLY B 435 -19.79 -10.96 -26.39
C GLY B 435 -18.62 -10.48 -27.22
N TRP B 436 -17.40 -10.73 -26.78
CA TRP B 436 -16.16 -10.20 -27.40
C TRP B 436 -15.32 -11.42 -27.79
N PHE B 437 -15.36 -11.79 -29.07
CA PHE B 437 -14.65 -12.97 -29.65
C PHE B 437 -13.54 -12.46 -30.56
N GLN B 438 -12.29 -12.81 -30.25
CA GLN B 438 -11.05 -12.28 -30.90
C GLN B 438 -9.87 -13.20 -30.63
N GLY B 439 -8.99 -13.36 -31.61
CA GLY B 439 -7.65 -13.97 -31.43
C GLY B 439 -7.75 -15.42 -31.03
N ARG B 440 -6.73 -15.90 -30.31
CA ARG B 440 -6.53 -17.33 -29.99
C ARG B 440 -7.14 -17.62 -28.62
N THR B 441 -7.93 -18.69 -28.50
CA THR B 441 -8.66 -19.05 -27.25
C THR B 441 -7.71 -19.02 -26.05
N GLU B 442 -8.06 -18.25 -25.01
CA GLU B 442 -7.26 -18.12 -23.77
C GLU B 442 -7.29 -19.47 -23.02
N TYR B 443 -6.14 -19.92 -22.54
CA TYR B 443 -6.00 -21.17 -21.76
C TYR B 443 -6.36 -20.90 -20.30
N GLY B 444 -6.96 -21.89 -19.64
CA GLY B 444 -7.28 -21.86 -18.20
C GLY B 444 -8.74 -21.48 -17.90
N PRO B 445 -9.07 -21.32 -16.61
CA PRO B 445 -10.46 -21.18 -16.18
C PRO B 445 -11.01 -19.77 -16.26
N ARG B 446 -10.16 -18.75 -16.41
CA ARG B 446 -10.62 -17.33 -16.46
C ARG B 446 -10.53 -16.81 -17.91
N ALA B 447 -11.62 -16.24 -18.41
CA ALA B 447 -11.70 -15.43 -19.65
C ALA B 447 -10.83 -14.20 -19.47
N LEU B 448 -9.95 -13.95 -20.45
CA LEU B 448 -8.94 -12.86 -20.46
C LEU B 448 -9.14 -12.01 -21.72
N GLY B 449 -10.38 -11.90 -22.20
CA GLY B 449 -10.76 -10.91 -23.20
C GLY B 449 -10.52 -11.38 -24.61
N ASN B 450 -10.35 -12.67 -24.85
CA ASN B 450 -10.42 -13.23 -26.22
C ASN B 450 -11.74 -13.98 -26.34
N ARG B 451 -12.21 -14.60 -25.27
CA ARG B 451 -13.58 -15.16 -25.22
C ARG B 451 -14.26 -14.70 -23.93
N SER B 452 -14.74 -13.46 -23.93
CA SER B 452 -15.29 -12.70 -22.76
C SER B 452 -16.59 -11.99 -23.14
N ILE B 453 -17.37 -11.59 -22.13
CA ILE B 453 -18.61 -10.80 -22.26
C ILE B 453 -18.35 -9.47 -21.56
N LEU B 454 -18.41 -8.35 -22.28
CA LEU B 454 -18.01 -7.03 -21.72
C LEU B 454 -19.25 -6.23 -21.36
N ALA B 455 -19.12 -5.35 -20.39
CA ALA B 455 -20.21 -4.50 -19.89
C ALA B 455 -19.62 -3.28 -19.20
N ASN B 456 -20.36 -2.17 -19.28
CA ASN B 456 -19.94 -0.88 -18.68
C ASN B 456 -20.19 -0.99 -17.19
N PRO B 457 -19.13 -1.02 -16.35
CA PRO B 457 -19.33 -1.27 -14.92
C PRO B 457 -19.86 -0.06 -14.14
N SER B 458 -20.13 1.08 -14.79
CA SER B 458 -20.50 2.35 -14.09
C SER B 458 -22.00 2.41 -13.77
N TYR B 459 -22.82 1.63 -14.49
CA TYR B 459 -24.28 1.55 -14.30
C TYR B 459 -24.61 0.86 -12.98
N ALA B 460 -25.37 1.54 -12.14
CA ALA B 460 -25.71 1.12 -10.76
C ALA B 460 -26.36 -0.27 -10.72
N ASP B 461 -27.05 -0.68 -11.78
CA ASP B 461 -27.81 -1.95 -11.82
C ASP B 461 -26.95 -3.09 -12.43
N MET B 462 -25.75 -2.76 -12.95
CA MET B 462 -25.10 -3.56 -14.04
C MET B 462 -24.90 -5.01 -13.60
N LYS B 463 -24.72 -5.26 -12.29
CA LYS B 463 -24.41 -6.60 -11.74
C LYS B 463 -25.64 -7.50 -11.93
N ASP B 464 -26.83 -6.92 -11.77
CA ASP B 464 -28.12 -7.61 -11.99
C ASP B 464 -28.32 -7.76 -13.50
N VAL B 465 -28.27 -6.64 -14.23
CA VAL B 465 -28.41 -6.63 -15.71
C VAL B 465 -27.57 -7.75 -16.31
N ILE B 466 -26.27 -7.75 -16.03
CA ILE B 466 -25.36 -8.74 -16.67
C ILE B 466 -25.95 -10.13 -16.41
N ASN B 467 -26.12 -10.50 -15.15
CA ASN B 467 -26.72 -11.81 -14.75
C ASN B 467 -28.02 -12.05 -15.52
N ASN B 468 -28.81 -11.00 -15.74
CA ASN B 468 -30.09 -11.12 -16.50
C ASN B 468 -29.76 -11.53 -17.95
N ARG B 469 -28.92 -10.76 -18.64
CA ARG B 469 -28.70 -11.01 -20.09
C ARG B 469 -27.78 -12.23 -20.21
N VAL B 470 -26.84 -12.42 -19.28
CA VAL B 470 -25.85 -13.53 -19.39
C VAL B 470 -26.49 -14.82 -18.90
N LYS B 471 -27.46 -14.77 -17.99
CA LYS B 471 -28.16 -15.98 -17.48
C LYS B 471 -27.20 -16.94 -16.76
N HIS B 472 -26.47 -16.45 -15.76
CA HIS B 472 -25.47 -17.26 -15.02
C HIS B 472 -26.02 -17.53 -13.63
N ARG B 473 -26.86 -16.64 -13.10
CA ARG B 473 -27.50 -16.91 -11.79
C ARG B 473 -26.40 -17.22 -10.75
N GLU B 474 -25.31 -16.43 -10.77
CA GLU B 474 -24.15 -16.65 -9.87
C GLU B 474 -24.14 -15.58 -8.79
N PRO B 475 -24.86 -15.75 -7.68
CA PRO B 475 -24.66 -14.88 -6.52
C PRO B 475 -23.30 -15.37 -6.02
N PHE B 476 -22.58 -14.57 -5.22
CA PHE B 476 -21.30 -15.02 -4.61
C PHE B 476 -20.13 -15.03 -5.60
N ARG B 477 -20.36 -14.98 -6.92
CA ARG B 477 -19.25 -14.73 -7.89
C ARG B 477 -19.21 -13.24 -8.16
N PRO B 478 -18.26 -12.48 -7.56
CA PRO B 478 -18.07 -11.08 -7.93
C PRO B 478 -17.69 -11.02 -9.42
N PHE B 479 -17.79 -9.83 -10.04
CA PHE B 479 -17.34 -9.60 -11.42
C PHE B 479 -15.97 -8.92 -11.41
N ALA B 480 -15.20 -9.10 -12.49
CA ALA B 480 -13.79 -8.71 -12.56
C ALA B 480 -13.65 -7.57 -13.56
N PRO B 481 -12.77 -6.59 -13.30
CA PRO B 481 -12.45 -5.57 -14.27
C PRO B 481 -11.18 -5.84 -15.07
N ILE B 482 -11.20 -5.65 -16.39
CA ILE B 482 -9.96 -5.36 -17.20
C ILE B 482 -9.64 -3.89 -17.04
N VAL B 483 -8.36 -3.56 -17.01
CA VAL B 483 -7.86 -2.17 -16.87
C VAL B 483 -6.55 -2.10 -17.66
N LEU B 484 -6.27 -0.98 -18.33
CA LEU B 484 -4.90 -0.70 -18.84
C LEU B 484 -3.93 -0.65 -17.64
N GLU B 485 -2.78 -1.32 -17.77
CA GLU B 485 -1.70 -1.35 -16.74
C GLU B 485 -1.33 0.10 -16.33
N GLU B 486 -1.16 0.99 -17.31
CA GLU B 486 -0.85 2.42 -17.07
C GLU B 486 -1.81 2.99 -16.01
N ASN B 487 -3.07 2.55 -15.97
CA ASN B 487 -4.12 3.10 -15.07
C ASN B 487 -4.31 2.23 -13.83
N ALA B 488 -3.55 1.13 -13.73
CA ALA B 488 -3.73 0.14 -12.65
C ALA B 488 -3.42 0.77 -11.28
N ALA B 489 -2.35 1.56 -11.17
CA ALA B 489 -1.86 2.06 -9.87
C ALA B 489 -2.82 3.14 -9.33
N ARG B 490 -3.61 3.77 -10.21
CA ARG B 490 -4.57 4.85 -9.82
C ARG B 490 -5.88 4.24 -9.34
N VAL B 491 -6.30 3.11 -9.91
CA VAL B 491 -7.68 2.62 -9.72
C VAL B 491 -7.67 1.63 -8.55
N PHE B 492 -6.60 0.86 -8.39
CA PHE B 492 -6.53 -0.21 -7.37
C PHE B 492 -5.34 0.03 -6.43
N GLU B 493 -5.38 -0.55 -5.23
CA GLU B 493 -4.23 -0.56 -4.29
C GLU B 493 -3.34 -1.73 -4.74
N MET B 494 -2.42 -1.49 -5.68
CA MET B 494 -1.67 -2.59 -6.34
C MET B 494 -0.62 -3.14 -5.38
N GLY B 495 -0.30 -2.42 -4.30
CA GLY B 495 0.78 -2.81 -3.38
C GLY B 495 2.08 -3.01 -4.14
N ARG B 496 2.66 -4.21 -4.03
CA ARG B 496 3.98 -4.57 -4.64
C ARG B 496 3.83 -5.11 -6.06
N LYS B 497 2.61 -5.25 -6.58
CA LYS B 497 2.39 -5.60 -8.01
C LYS B 497 2.45 -4.30 -8.82
N GLU B 498 2.94 -4.39 -10.05
CA GLU B 498 2.78 -3.31 -11.06
C GLU B 498 1.80 -3.79 -12.14
N ARG B 499 1.55 -5.08 -12.22
CA ARG B 499 0.55 -5.63 -13.19
C ARG B 499 0.05 -6.99 -12.71
N SER B 500 -1.02 -7.50 -13.33
CA SER B 500 -1.63 -8.82 -13.05
C SER B 500 -2.52 -9.20 -14.23
N PRO B 501 -1.93 -9.59 -15.39
CA PRO B 501 -2.72 -9.90 -16.59
C PRO B 501 -3.50 -11.23 -16.55
N TYR B 502 -3.46 -11.97 -15.44
CA TYR B 502 -3.96 -13.36 -15.40
C TYR B 502 -5.16 -13.54 -14.47
N MET B 503 -5.54 -12.52 -13.71
CA MET B 503 -6.69 -12.54 -12.76
C MET B 503 -6.44 -13.63 -11.71
N THR B 504 -5.18 -13.78 -11.29
CA THR B 504 -4.73 -14.74 -10.25
C THR B 504 -4.55 -14.02 -8.91
N PHE B 505 -4.70 -12.69 -8.91
CA PHE B 505 -4.63 -11.80 -7.73
C PHE B 505 -5.84 -10.86 -7.66
N VAL B 506 -6.23 -10.54 -6.43
CA VAL B 506 -7.29 -9.56 -6.06
C VAL B 506 -6.65 -8.32 -5.43
N PHE B 507 -7.10 -7.11 -5.79
CA PHE B 507 -6.63 -5.81 -5.24
C PHE B 507 -7.83 -5.00 -4.72
N PRO B 508 -7.64 -4.12 -3.72
CA PRO B 508 -8.69 -3.19 -3.30
C PRO B 508 -8.90 -2.07 -4.34
N VAL B 509 -10.01 -1.34 -4.23
CA VAL B 509 -10.39 -0.30 -5.23
C VAL B 509 -10.31 1.08 -4.60
N ARG B 510 -9.29 1.85 -4.98
CA ARG B 510 -9.12 3.27 -4.56
C ARG B 510 -10.48 3.97 -4.61
N PRO B 511 -10.87 4.68 -3.53
CA PRO B 511 -12.26 5.07 -3.34
C PRO B 511 -12.72 6.16 -4.32
N GLU B 512 -11.79 6.80 -5.02
CA GLU B 512 -12.12 7.79 -6.08
C GLU B 512 -12.76 7.06 -7.28
N TYR B 513 -12.55 5.75 -7.43
CA TYR B 513 -13.08 4.97 -8.59
C TYR B 513 -14.19 4.00 -8.17
N THR B 514 -14.50 3.85 -6.87
CA THR B 514 -15.50 2.84 -6.37
C THR B 514 -16.84 2.98 -7.10
N GLU B 515 -17.29 4.20 -7.44
CA GLU B 515 -18.57 4.44 -8.15
C GLU B 515 -18.46 4.01 -9.61
N LYS B 516 -17.40 4.47 -10.28
CA LYS B 516 -17.15 4.25 -11.73
C LYS B 516 -17.04 2.76 -12.09
N ILE B 517 -16.45 1.92 -11.24
CA ILE B 517 -16.23 0.48 -11.58
C ILE B 517 -16.99 -0.46 -10.64
N ALA B 518 -17.99 0.07 -9.92
CA ALA B 518 -18.73 -0.62 -8.84
C ALA B 518 -19.02 -2.08 -9.21
N ALA B 519 -19.51 -2.34 -10.42
CA ALA B 519 -19.98 -3.69 -10.84
C ALA B 519 -18.82 -4.69 -10.97
N ALA B 520 -17.57 -4.23 -11.19
CA ALA B 520 -16.37 -5.11 -11.25
C ALA B 520 -15.65 -5.10 -9.90
N THR B 521 -16.41 -4.99 -8.82
CA THR B 521 -15.84 -4.90 -7.47
C THR B 521 -16.65 -5.80 -6.56
N HIS B 522 -16.06 -6.22 -5.45
CA HIS B 522 -16.81 -7.03 -4.46
C HIS B 522 -17.12 -6.16 -3.26
N VAL B 523 -18.06 -6.62 -2.46
CA VAL B 523 -18.50 -5.84 -1.27
C VAL B 523 -17.28 -5.57 -0.40
N ASP B 524 -16.22 -6.34 -0.60
CA ASP B 524 -14.96 -6.18 0.18
C ASP B 524 -14.18 -5.01 -0.41
N ALA B 525 -14.70 -4.39 -1.47
CA ALA B 525 -14.01 -3.30 -2.19
C ALA B 525 -12.91 -3.90 -3.05
N THR B 526 -12.96 -5.21 -3.27
CA THR B 526 -11.88 -5.94 -4.01
C THR B 526 -12.29 -6.29 -5.45
N SER B 527 -11.31 -6.31 -6.36
CA SER B 527 -11.48 -6.60 -7.81
C SER B 527 -10.43 -7.63 -8.24
N ARG B 528 -10.82 -8.69 -8.94
CA ARG B 528 -9.82 -9.68 -9.45
C ARG B 528 -9.30 -9.19 -10.80
N ILE B 529 -8.39 -8.20 -10.83
CA ILE B 529 -8.16 -7.39 -12.07
C ILE B 529 -7.42 -8.23 -13.13
N GLN B 530 -7.69 -7.87 -14.37
CA GLN B 530 -6.87 -8.13 -15.58
C GLN B 530 -6.29 -6.82 -16.10
N THR B 531 -5.00 -6.62 -15.85
CA THR B 531 -4.18 -5.60 -16.55
C THR B 531 -4.02 -5.99 -18.02
N VAL B 532 -4.24 -5.03 -18.91
CA VAL B 532 -4.12 -5.16 -20.39
C VAL B 532 -3.13 -4.12 -20.89
N THR B 533 -2.31 -4.50 -21.87
CA THR B 533 -1.42 -3.62 -22.66
C THR B 533 -1.70 -3.82 -24.16
N GLU B 534 -1.21 -2.92 -25.01
CA GLU B 534 -1.27 -3.05 -26.49
C GLU B 534 -0.37 -4.23 -26.91
N ASP B 535 0.70 -4.51 -26.17
CA ASP B 535 1.48 -5.75 -26.42
C ASP B 535 0.67 -6.98 -25.99
N SER B 536 0.03 -6.97 -24.82
CA SER B 536 -0.65 -8.15 -24.20
C SER B 536 -1.86 -8.58 -25.03
N ASN B 537 -2.76 -7.63 -25.38
CA ASN B 537 -4.02 -7.85 -26.17
C ASN B 537 -4.31 -6.59 -27.00
N PRO B 538 -3.69 -6.41 -28.19
CA PRO B 538 -3.72 -5.13 -28.90
C PRO B 538 -5.15 -4.66 -29.17
N ARG B 539 -6.02 -5.61 -29.49
CA ARG B 539 -7.45 -5.35 -29.79
C ARG B 539 -8.13 -4.82 -28.51
N LEU B 540 -7.95 -5.49 -27.36
CA LEU B 540 -8.68 -5.19 -26.09
C LEU B 540 -8.23 -3.85 -25.52
N ALA B 541 -6.93 -3.60 -25.61
CA ALA B 541 -6.29 -2.33 -25.18
C ALA B 541 -6.96 -1.19 -25.96
N ALA B 542 -7.17 -1.40 -27.26
CA ALA B 542 -7.83 -0.44 -28.17
C ALA B 542 -9.26 -0.16 -27.71
N LEU B 543 -10.04 -1.21 -27.43
CA LEU B 543 -11.44 -1.07 -26.96
C LEU B 543 -11.47 -0.33 -25.62
N LEU B 544 -10.64 -0.75 -24.67
CA LEU B 544 -10.57 -0.09 -23.33
C LEU B 544 -10.33 1.41 -23.50
N ARG B 545 -9.33 1.78 -24.32
CA ARG B 545 -8.88 3.18 -24.42
C ARG B 545 -10.02 4.05 -24.98
N GLU B 546 -10.71 3.58 -26.01
CA GLU B 546 -11.82 4.33 -26.69
C GLU B 546 -12.98 4.46 -25.71
N PHE B 547 -13.38 3.36 -25.08
CA PHE B 547 -14.41 3.32 -24.01
C PHE B 547 -14.08 4.39 -22.96
N THR B 548 -12.91 4.36 -22.34
CA THR B 548 -12.54 5.31 -21.26
C THR B 548 -12.57 6.74 -21.84
N SER B 549 -12.17 6.88 -23.11
CA SER B 549 -12.14 8.16 -23.87
C SER B 549 -13.52 8.82 -23.91
N ARG B 550 -14.61 8.04 -23.99
CA ARG B 550 -16.00 8.56 -24.15
C ARG B 550 -16.67 8.69 -22.79
N THR B 551 -16.44 7.73 -21.91
CA THR B 551 -17.24 7.45 -20.69
C THR B 551 -16.51 7.95 -19.45
N ASP B 552 -15.18 8.03 -19.49
CA ASP B 552 -14.32 8.43 -18.32
C ASP B 552 -14.27 7.31 -17.28
N VAL B 553 -14.82 6.14 -17.59
CA VAL B 553 -14.69 4.88 -16.80
C VAL B 553 -13.44 4.15 -17.28
N PRO B 554 -12.51 3.80 -16.37
CA PRO B 554 -11.22 3.22 -16.76
C PRO B 554 -11.17 1.70 -16.87
N CYS B 555 -12.26 1.01 -16.54
CA CYS B 555 -12.37 -0.48 -16.63
C CYS B 555 -13.64 -0.91 -17.37
N LEU B 556 -13.62 -2.14 -17.90
CA LEU B 556 -14.81 -2.87 -18.37
C LEU B 556 -15.01 -4.13 -17.53
N VAL B 557 -16.24 -4.63 -17.41
CA VAL B 557 -16.46 -5.99 -16.83
C VAL B 557 -15.96 -7.05 -17.81
N ASN B 558 -15.38 -8.15 -17.29
CA ASN B 558 -14.83 -9.29 -18.09
C ASN B 558 -15.20 -10.59 -17.39
N THR B 559 -16.46 -10.97 -17.57
CA THR B 559 -17.03 -12.30 -17.20
C THR B 559 -16.66 -13.24 -18.36
N SER B 560 -16.62 -14.55 -18.10
CA SER B 560 -16.37 -15.58 -19.15
C SER B 560 -17.49 -15.52 -20.19
N PHE B 561 -17.22 -15.89 -21.44
CA PHE B 561 -18.24 -15.99 -22.52
C PHE B 561 -18.71 -17.45 -22.60
N ASN B 562 -19.80 -17.78 -21.89
CA ASN B 562 -20.39 -19.14 -21.80
C ASN B 562 -21.80 -19.12 -21.18
N VAL B 563 -22.57 -20.19 -21.34
CA VAL B 563 -23.79 -20.44 -20.51
C VAL B 563 -23.38 -21.31 -19.31
N ALA B 564 -24.14 -21.23 -18.21
CA ALA B 564 -23.94 -22.03 -16.96
C ALA B 564 -23.76 -23.52 -17.29
N GLY B 565 -22.74 -24.16 -16.71
CA GLY B 565 -22.48 -25.61 -16.83
C GLY B 565 -21.57 -25.93 -18.00
N GLU B 566 -21.62 -25.08 -19.04
CA GLU B 566 -20.89 -25.13 -20.33
C GLU B 566 -19.54 -24.44 -20.07
N PRO B 567 -18.40 -24.95 -20.62
CA PRO B 567 -17.11 -24.25 -20.53
C PRO B 567 -17.03 -22.97 -21.39
N ILE B 568 -15.89 -22.27 -21.37
CA ILE B 568 -15.72 -21.02 -22.16
C ILE B 568 -15.88 -21.44 -23.62
N VAL B 569 -16.61 -20.66 -24.42
CA VAL B 569 -16.77 -20.90 -25.88
C VAL B 569 -15.38 -20.87 -26.49
N CYS B 570 -15.13 -21.73 -27.50
CA CYS B 570 -13.85 -21.87 -28.25
C CYS B 570 -14.04 -21.42 -29.71
N SER B 571 -15.15 -21.80 -30.33
CA SER B 571 -15.40 -21.61 -31.79
C SER B 571 -16.52 -20.62 -32.05
N PRO B 572 -16.61 -20.06 -33.28
CA PRO B 572 -17.71 -19.17 -33.67
C PRO B 572 -19.13 -19.72 -33.46
N LYS B 573 -19.33 -21.02 -33.71
CA LYS B 573 -20.65 -21.70 -33.47
C LYS B 573 -20.96 -21.65 -31.97
N ASP B 574 -20.01 -22.10 -31.13
CA ASP B 574 -20.09 -21.97 -29.66
C ASP B 574 -20.62 -20.56 -29.33
N ALA B 575 -19.94 -19.53 -29.85
CA ALA B 575 -20.20 -18.11 -29.52
C ALA B 575 -21.60 -17.71 -29.99
N VAL B 576 -21.93 -17.98 -31.25
CA VAL B 576 -23.22 -17.56 -31.86
C VAL B 576 -24.32 -18.23 -31.04
N GLU B 577 -24.13 -19.52 -30.70
CA GLU B 577 -25.15 -20.36 -30.01
C GLU B 577 -25.39 -19.81 -28.61
N CYS B 578 -24.32 -19.41 -27.94
CA CYS B 578 -24.37 -18.74 -26.61
C CYS B 578 -25.11 -17.41 -26.79
N PHE B 579 -24.71 -16.57 -27.77
CA PHE B 579 -25.32 -15.25 -28.07
C PHE B 579 -26.85 -15.36 -28.15
N LEU B 580 -27.35 -16.44 -28.78
CA LEU B 580 -28.79 -16.63 -29.11
C LEU B 580 -29.51 -17.38 -27.98
N GLY B 581 -28.80 -18.28 -27.28
CA GLY B 581 -29.28 -18.98 -26.07
C GLY B 581 -29.31 -18.09 -24.82
N THR B 582 -28.74 -16.88 -24.90
CA THR B 582 -28.77 -15.83 -23.83
C THR B 582 -29.59 -14.62 -24.33
N ASP B 583 -29.62 -13.51 -23.57
CA ASP B 583 -30.13 -12.18 -24.03
C ASP B 583 -28.97 -11.16 -24.08
N ILE B 584 -27.78 -11.60 -24.49
CA ILE B 584 -26.63 -10.69 -24.76
C ILE B 584 -27.08 -9.76 -25.90
N ASP B 585 -26.81 -8.46 -25.80
CA ASP B 585 -27.42 -7.44 -26.69
C ASP B 585 -26.78 -7.49 -28.08
N HIS B 586 -25.46 -7.71 -28.13
CA HIS B 586 -24.68 -7.84 -29.39
C HIS B 586 -23.51 -8.79 -29.21
N LEU B 587 -23.01 -9.32 -30.33
CA LEU B 587 -21.80 -10.16 -30.41
C LEU B 587 -20.83 -9.52 -31.41
N VAL B 588 -19.65 -9.12 -30.95
CA VAL B 588 -18.55 -8.63 -31.82
C VAL B 588 -17.56 -9.77 -32.00
N ILE B 589 -17.65 -10.51 -33.09
CA ILE B 589 -16.71 -11.63 -33.38
C ILE B 589 -15.79 -11.26 -34.57
N GLY B 590 -14.49 -11.44 -34.37
CA GLY B 590 -13.44 -10.93 -35.28
C GLY B 590 -13.70 -9.49 -35.68
N ASP B 591 -13.99 -9.24 -36.95
CA ASP B 591 -14.24 -7.87 -37.50
C ASP B 591 -15.73 -7.70 -37.85
N PHE B 592 -16.61 -8.42 -37.13
CA PHE B 592 -18.06 -8.51 -37.44
C PHE B 592 -18.88 -8.08 -36.23
N LEU B 593 -19.71 -7.07 -36.40
CA LEU B 593 -20.64 -6.63 -35.33
C LEU B 593 -22.00 -7.24 -35.64
N VAL B 594 -22.28 -8.37 -34.97
CA VAL B 594 -23.50 -9.18 -35.11
C VAL B 594 -24.62 -8.57 -34.24
N SER B 595 -25.83 -8.48 -34.79
CA SER B 595 -27.05 -8.14 -34.02
C SER B 595 -28.09 -9.25 -34.18
N LYS B 596 -29.09 -9.28 -33.28
CA LYS B 596 -30.23 -10.22 -33.33
C LYS B 596 -31.33 -9.56 -34.16
N ARG B 597 -32.14 -10.37 -34.85
CA ARG B 597 -33.29 -9.89 -35.67
C ARG B 597 -34.60 -10.28 -34.95
#